data_3CI9
# 
_entry.id   3CI9 
# 
_audit_conform.dict_name       mmcif_pdbx.dic 
_audit_conform.dict_version    5.392 
_audit_conform.dict_location   http://mmcif.pdb.org/dictionaries/ascii/mmcif_pdbx.dic 
# 
loop_
_database_2.database_id 
_database_2.database_code 
_database_2.pdbx_database_accession 
_database_2.pdbx_DOI 
PDB   3CI9         pdb_00003ci9 10.2210/pdb3ci9/pdb 
RCSB  RCSB046806   ?            ?                   
WWPDB D_1000046806 ?            ?                   
# 
loop_
_pdbx_audit_revision_history.ordinal 
_pdbx_audit_revision_history.data_content_type 
_pdbx_audit_revision_history.major_revision 
_pdbx_audit_revision_history.minor_revision 
_pdbx_audit_revision_history.revision_date 
1 'Structure model' 1 0 2009-01-20 
2 'Structure model' 1 1 2011-07-13 
3 'Structure model' 1 2 2017-10-25 
4 'Structure model' 1 3 2021-11-10 
5 'Structure model' 1 4 2024-05-29 
# 
_pdbx_audit_revision_details.ordinal             1 
_pdbx_audit_revision_details.revision_ordinal    1 
_pdbx_audit_revision_details.data_content_type   'Structure model' 
_pdbx_audit_revision_details.provider            repository 
_pdbx_audit_revision_details.type                'Initial release' 
_pdbx_audit_revision_details.description         ? 
_pdbx_audit_revision_details.details             ? 
# 
loop_
_pdbx_audit_revision_group.ordinal 
_pdbx_audit_revision_group.revision_ordinal 
_pdbx_audit_revision_group.data_content_type 
_pdbx_audit_revision_group.group 
1 2 'Structure model' 'Version format compliance' 
2 3 'Structure model' 'Refinement description'    
3 4 'Structure model' 'Database references'       
4 5 'Structure model' 'Data collection'           
# 
loop_
_pdbx_audit_revision_category.ordinal 
_pdbx_audit_revision_category.revision_ordinal 
_pdbx_audit_revision_category.data_content_type 
_pdbx_audit_revision_category.category 
1 3 'Structure model' software           
2 4 'Structure model' database_2         
3 4 'Structure model' struct_ref_seq_dif 
4 5 'Structure model' chem_comp_atom     
5 5 'Structure model' chem_comp_bond     
# 
loop_
_pdbx_audit_revision_item.ordinal 
_pdbx_audit_revision_item.revision_ordinal 
_pdbx_audit_revision_item.data_content_type 
_pdbx_audit_revision_item.item 
1 4 'Structure model' '_database_2.pdbx_DOI'                
2 4 'Structure model' '_database_2.pdbx_database_accession' 
3 4 'Structure model' '_struct_ref_seq_dif.details'         
# 
_pdbx_database_status.entry_id                        3CI9 
_pdbx_database_status.deposit_site                    RCSB 
_pdbx_database_status.process_site                    PDBJ 
_pdbx_database_status.recvd_initial_deposition_date   2008-03-11 
_pdbx_database_status.status_code                     REL 
_pdbx_database_status.status_code_sf                  REL 
_pdbx_database_status.status_code_mr                  ? 
_pdbx_database_status.SG_entry                        ? 
_pdbx_database_status.pdb_format_compatible           Y 
_pdbx_database_status.status_code_cs                  ? 
_pdbx_database_status.methods_development_category    ? 
_pdbx_database_status.status_code_nmr_data            ? 
# 
loop_
_audit_author.name 
_audit_author.pdbx_ordinal 
'Liu, X.'     1 
'Xu, L.'      2 
'Liu, Y.'     3 
'Zhu, G.'     4 
'Zhang, X.C.' 5 
'Li, X.'      6 
'Rao, Z.'     7 
# 
_citation.id                        primary 
_citation.title                     'Crystal structure of the hexamer of human heat shock factor binding protein 1' 
_citation.journal_abbrev            Proteins 
_citation.journal_volume            75 
_citation.page_first                1 
_citation.page_last                 11 
_citation.year                      2009 
_citation.journal_id_ASTM           PSFGEY 
_citation.country                   US 
_citation.journal_id_ISSN           0887-3585 
_citation.journal_id_CSD            0867 
_citation.book_publisher            ? 
_citation.pdbx_database_id_PubMed   18767159 
_citation.pdbx_database_id_DOI      10.1002/prot.22216 
# 
loop_
_citation_author.citation_id 
_citation_author.name 
_citation_author.ordinal 
_citation_author.identifier_ORCID 
primary 'Liu, X.'     1 ? 
primary 'Xu, L.'      2 ? 
primary 'Liu, Y.'     3 ? 
primary 'Tong, X.'    4 ? 
primary 'Zhu, G.'     5 ? 
primary 'Zhang, X.C.' 6 ? 
primary 'Li, X.'      7 ? 
primary 'Rao, Z.'     8 ? 
# 
loop_
_entity.id 
_entity.type 
_entity.src_method 
_entity.pdbx_description 
_entity.formula_weight 
_entity.pdbx_number_of_molecules 
_entity.pdbx_ec 
_entity.pdbx_mutation 
_entity.pdbx_fragment 
_entity.details 
1 polymer man 'Heat shock factor-binding protein 1' 5482.181 2  ? M30I 'UNP residues 6-53' ? 
2 water   nat water                                 18.015   22 ? ?    ?                   ? 
# 
_entity_name_com.entity_id   1 
_entity_name_com.name        'Nasopharyngeal carcinoma- associated antigen 13, NPC-A-13' 
# 
_entity_poly.entity_id                      1 
_entity_poly.type                           'polypeptide(L)' 
_entity_poly.nstd_linkage                   no 
_entity_poly.nstd_monomer                   no 
_entity_poly.pdbx_seq_one_letter_code       PKTVQDLTSVVQTLLQQMQDKFQTISDQIIGRIDDMSSRIDDLEKNIA 
_entity_poly.pdbx_seq_one_letter_code_can   PKTVQDLTSVVQTLLQQMQDKFQTISDQIIGRIDDMSSRIDDLEKNIA 
_entity_poly.pdbx_strand_id                 A,B 
_entity_poly.pdbx_target_identifier         ? 
# 
_pdbx_entity_nonpoly.entity_id   2 
_pdbx_entity_nonpoly.name        water 
_pdbx_entity_nonpoly.comp_id     HOH 
# 
loop_
_entity_poly_seq.entity_id 
_entity_poly_seq.num 
_entity_poly_seq.mon_id 
_entity_poly_seq.hetero 
1 1  PRO n 
1 2  LYS n 
1 3  THR n 
1 4  VAL n 
1 5  GLN n 
1 6  ASP n 
1 7  LEU n 
1 8  THR n 
1 9  SER n 
1 10 VAL n 
1 11 VAL n 
1 12 GLN n 
1 13 THR n 
1 14 LEU n 
1 15 LEU n 
1 16 GLN n 
1 17 GLN n 
1 18 MET n 
1 19 GLN n 
1 20 ASP n 
1 21 LYS n 
1 22 PHE n 
1 23 GLN n 
1 24 THR n 
1 25 ILE n 
1 26 SER n 
1 27 ASP n 
1 28 GLN n 
1 29 ILE n 
1 30 ILE n 
1 31 GLY n 
1 32 ARG n 
1 33 ILE n 
1 34 ASP n 
1 35 ASP n 
1 36 MET n 
1 37 SER n 
1 38 SER n 
1 39 ARG n 
1 40 ILE n 
1 41 ASP n 
1 42 ASP n 
1 43 LEU n 
1 44 GLU n 
1 45 LYS n 
1 46 ASN n 
1 47 ILE n 
1 48 ALA n 
# 
_entity_src_gen.entity_id                          1 
_entity_src_gen.pdbx_src_id                        1 
_entity_src_gen.pdbx_alt_source_flag               sample 
_entity_src_gen.pdbx_seq_type                      ? 
_entity_src_gen.pdbx_beg_seq_num                   ? 
_entity_src_gen.pdbx_end_seq_num                   ? 
_entity_src_gen.gene_src_common_name               Human 
_entity_src_gen.gene_src_genus                     ? 
_entity_src_gen.pdbx_gene_src_gene                 HSBP1 
_entity_src_gen.gene_src_species                   ? 
_entity_src_gen.gene_src_strain                    ? 
_entity_src_gen.gene_src_tissue                    ? 
_entity_src_gen.gene_src_tissue_fraction           ? 
_entity_src_gen.gene_src_details                   ? 
_entity_src_gen.pdbx_gene_src_fragment             ? 
_entity_src_gen.pdbx_gene_src_scientific_name      'Homo sapiens' 
_entity_src_gen.pdbx_gene_src_ncbi_taxonomy_id     9606 
_entity_src_gen.pdbx_gene_src_variant              ? 
_entity_src_gen.pdbx_gene_src_cell_line            ? 
_entity_src_gen.pdbx_gene_src_atcc                 ? 
_entity_src_gen.pdbx_gene_src_organ                ? 
_entity_src_gen.pdbx_gene_src_organelle            ? 
_entity_src_gen.pdbx_gene_src_cell                 ? 
_entity_src_gen.pdbx_gene_src_cellular_location    ? 
_entity_src_gen.host_org_common_name               ? 
_entity_src_gen.pdbx_host_org_scientific_name      'Escherichia coli' 
_entity_src_gen.pdbx_host_org_ncbi_taxonomy_id     562 
_entity_src_gen.host_org_genus                     ? 
_entity_src_gen.pdbx_host_org_gene                 ? 
_entity_src_gen.pdbx_host_org_organ                ? 
_entity_src_gen.host_org_species                   ? 
_entity_src_gen.pdbx_host_org_tissue               ? 
_entity_src_gen.pdbx_host_org_tissue_fraction      ? 
_entity_src_gen.pdbx_host_org_strain               'BL21(DE3)' 
_entity_src_gen.pdbx_host_org_variant              ? 
_entity_src_gen.pdbx_host_org_cell_line            ? 
_entity_src_gen.pdbx_host_org_atcc                 ? 
_entity_src_gen.pdbx_host_org_culture_collection   ? 
_entity_src_gen.pdbx_host_org_cell                 ? 
_entity_src_gen.pdbx_host_org_organelle            ? 
_entity_src_gen.pdbx_host_org_cellular_location    ? 
_entity_src_gen.pdbx_host_org_vector_type          plasmid 
_entity_src_gen.pdbx_host_org_vector               ? 
_entity_src_gen.host_org_details                   ? 
_entity_src_gen.expression_system_id               ? 
_entity_src_gen.plasmid_name                       'pET-28a-c(+)' 
_entity_src_gen.plasmid_details                    ? 
_entity_src_gen.pdbx_description                   ? 
# 
loop_
_chem_comp.id 
_chem_comp.type 
_chem_comp.mon_nstd_flag 
_chem_comp.name 
_chem_comp.pdbx_synonyms 
_chem_comp.formula 
_chem_comp.formula_weight 
ALA 'L-peptide linking' y ALANINE         ? 'C3 H7 N O2'     89.093  
ARG 'L-peptide linking' y ARGININE        ? 'C6 H15 N4 O2 1' 175.209 
ASN 'L-peptide linking' y ASPARAGINE      ? 'C4 H8 N2 O3'    132.118 
ASP 'L-peptide linking' y 'ASPARTIC ACID' ? 'C4 H7 N O4'     133.103 
GLN 'L-peptide linking' y GLUTAMINE       ? 'C5 H10 N2 O3'   146.144 
GLU 'L-peptide linking' y 'GLUTAMIC ACID' ? 'C5 H9 N O4'     147.129 
GLY 'peptide linking'   y GLYCINE         ? 'C2 H5 N O2'     75.067  
HOH non-polymer         . WATER           ? 'H2 O'           18.015  
ILE 'L-peptide linking' y ISOLEUCINE      ? 'C6 H13 N O2'    131.173 
LEU 'L-peptide linking' y LEUCINE         ? 'C6 H13 N O2'    131.173 
LYS 'L-peptide linking' y LYSINE          ? 'C6 H15 N2 O2 1' 147.195 
MET 'L-peptide linking' y METHIONINE      ? 'C5 H11 N O2 S'  149.211 
PHE 'L-peptide linking' y PHENYLALANINE   ? 'C9 H11 N O2'    165.189 
PRO 'L-peptide linking' y PROLINE         ? 'C5 H9 N O2'     115.130 
SER 'L-peptide linking' y SERINE          ? 'C3 H7 N O3'     105.093 
THR 'L-peptide linking' y THREONINE       ? 'C4 H9 N O3'     119.119 
VAL 'L-peptide linking' y VALINE          ? 'C5 H11 N O2'    117.146 
# 
loop_
_pdbx_poly_seq_scheme.asym_id 
_pdbx_poly_seq_scheme.entity_id 
_pdbx_poly_seq_scheme.seq_id 
_pdbx_poly_seq_scheme.mon_id 
_pdbx_poly_seq_scheme.ndb_seq_num 
_pdbx_poly_seq_scheme.pdb_seq_num 
_pdbx_poly_seq_scheme.auth_seq_num 
_pdbx_poly_seq_scheme.pdb_mon_id 
_pdbx_poly_seq_scheme.auth_mon_id 
_pdbx_poly_seq_scheme.pdb_strand_id 
_pdbx_poly_seq_scheme.pdb_ins_code 
_pdbx_poly_seq_scheme.hetero 
A 1 1  PRO 1  6  6  PRO PRO A . n 
A 1 2  LYS 2  7  7  LYS LYS A . n 
A 1 3  THR 3  8  8  THR THR A . n 
A 1 4  VAL 4  9  9  VAL VAL A . n 
A 1 5  GLN 5  10 10 GLN GLN A . n 
A 1 6  ASP 6  11 11 ASP ASP A . n 
A 1 7  LEU 7  12 12 LEU LEU A . n 
A 1 8  THR 8  13 13 THR THR A . n 
A 1 9  SER 9  14 14 SER SER A . n 
A 1 10 VAL 10 15 15 VAL VAL A . n 
A 1 11 VAL 11 16 16 VAL VAL A . n 
A 1 12 GLN 12 17 17 GLN GLN A . n 
A 1 13 THR 13 18 18 THR THR A . n 
A 1 14 LEU 14 19 19 LEU LEU A . n 
A 1 15 LEU 15 20 20 LEU LEU A . n 
A 1 16 GLN 16 21 21 GLN GLN A . n 
A 1 17 GLN 17 22 22 GLN GLN A . n 
A 1 18 MET 18 23 23 MET MET A . n 
A 1 19 GLN 19 24 24 GLN GLN A . n 
A 1 20 ASP 20 25 25 ASP ASP A . n 
A 1 21 LYS 21 26 26 LYS LYS A . n 
A 1 22 PHE 22 27 27 PHE PHE A . n 
A 1 23 GLN 23 28 28 GLN GLN A . n 
A 1 24 THR 24 29 29 THR THR A . n 
A 1 25 ILE 25 30 30 ILE ILE A . n 
A 1 26 SER 26 31 31 SER SER A . n 
A 1 27 ASP 27 32 32 ASP ASP A . n 
A 1 28 GLN 28 33 33 GLN GLN A . n 
A 1 29 ILE 29 34 34 ILE ILE A . n 
A 1 30 ILE 30 35 35 ILE ILE A . n 
A 1 31 GLY 31 36 36 GLY GLY A . n 
A 1 32 ARG 32 37 37 ARG ARG A . n 
A 1 33 ILE 33 38 38 ILE ILE A . n 
A 1 34 ASP 34 39 39 ASP ASP A . n 
A 1 35 ASP 35 40 40 ASP ASP A . n 
A 1 36 MET 36 41 41 MET MET A . n 
A 1 37 SER 37 42 42 SER SER A . n 
A 1 38 SER 38 43 43 SER SER A . n 
A 1 39 ARG 39 44 44 ARG ARG A . n 
A 1 40 ILE 40 45 45 ILE ILE A . n 
A 1 41 ASP 41 46 46 ASP ASP A . n 
A 1 42 ASP 42 47 47 ASP ASP A . n 
A 1 43 LEU 43 48 48 LEU LEU A . n 
A 1 44 GLU 44 49 49 GLU GLU A . n 
A 1 45 LYS 45 50 ?  ?   ?   A . n 
A 1 46 ASN 46 51 ?  ?   ?   A . n 
A 1 47 ILE 47 52 ?  ?   ?   A . n 
A 1 48 ALA 48 53 ?  ?   ?   A . n 
B 1 1  PRO 1  6  ?  ?   ?   B . n 
B 1 2  LYS 2  7  ?  ?   ?   B . n 
B 1 3  THR 3  8  ?  ?   ?   B . n 
B 1 4  VAL 4  9  9  VAL VAL B . n 
B 1 5  GLN 5  10 10 GLN GLN B . n 
B 1 6  ASP 6  11 11 ASP ASP B . n 
B 1 7  LEU 7  12 12 LEU LEU B . n 
B 1 8  THR 8  13 13 THR THR B . n 
B 1 9  SER 9  14 14 SER SER B . n 
B 1 10 VAL 10 15 15 VAL VAL B . n 
B 1 11 VAL 11 16 16 VAL VAL B . n 
B 1 12 GLN 12 17 17 GLN GLN B . n 
B 1 13 THR 13 18 18 THR THR B . n 
B 1 14 LEU 14 19 19 LEU LEU B . n 
B 1 15 LEU 15 20 20 LEU LEU B . n 
B 1 16 GLN 16 21 21 GLN GLN B . n 
B 1 17 GLN 17 22 22 GLN GLN B . n 
B 1 18 MET 18 23 23 MET MET B . n 
B 1 19 GLN 19 24 24 GLN GLN B . n 
B 1 20 ASP 20 25 25 ASP ASP B . n 
B 1 21 LYS 21 26 26 LYS LYS B . n 
B 1 22 PHE 22 27 27 PHE PHE B . n 
B 1 23 GLN 23 28 28 GLN GLN B . n 
B 1 24 THR 24 29 29 THR THR B . n 
B 1 25 ILE 25 30 30 ILE ILE B . n 
B 1 26 SER 26 31 31 SER SER B . n 
B 1 27 ASP 27 32 32 ASP ASP B . n 
B 1 28 GLN 28 33 33 GLN GLN B . n 
B 1 29 ILE 29 34 34 ILE ILE B . n 
B 1 30 ILE 30 35 35 ILE ILE B . n 
B 1 31 GLY 31 36 36 GLY GLY B . n 
B 1 32 ARG 32 37 37 ARG ARG B . n 
B 1 33 ILE 33 38 38 ILE ILE B . n 
B 1 34 ASP 34 39 39 ASP ASP B . n 
B 1 35 ASP 35 40 40 ASP ASP B . n 
B 1 36 MET 36 41 41 MET MET B . n 
B 1 37 SER 37 42 42 SER SER B . n 
B 1 38 SER 38 43 43 SER SER B . n 
B 1 39 ARG 39 44 44 ARG ARG B . n 
B 1 40 ILE 40 45 45 ILE ILE B . n 
B 1 41 ASP 41 46 46 ASP ASP B . n 
B 1 42 ASP 42 47 47 ASP ASP B . n 
B 1 43 LEU 43 48 48 LEU LEU B . n 
B 1 44 GLU 44 49 49 GLU GLU B . n 
B 1 45 LYS 45 50 50 LYS LYS B . n 
B 1 46 ASN 46 51 51 ASN ASN B . n 
B 1 47 ILE 47 52 52 ILE ILE B . n 
B 1 48 ALA 48 53 53 ALA ALA B . n 
# 
loop_
_pdbx_nonpoly_scheme.asym_id 
_pdbx_nonpoly_scheme.entity_id 
_pdbx_nonpoly_scheme.mon_id 
_pdbx_nonpoly_scheme.ndb_seq_num 
_pdbx_nonpoly_scheme.pdb_seq_num 
_pdbx_nonpoly_scheme.auth_seq_num 
_pdbx_nonpoly_scheme.pdb_mon_id 
_pdbx_nonpoly_scheme.auth_mon_id 
_pdbx_nonpoly_scheme.pdb_strand_id 
_pdbx_nonpoly_scheme.pdb_ins_code 
C 2 HOH 1  54 3  HOH HOH A . 
C 2 HOH 2  55 5  HOH HOH A . 
C 2 HOH 3  56 8  HOH HOH A . 
C 2 HOH 4  57 9  HOH HOH A . 
C 2 HOH 5  58 11 HOH HOH A . 
C 2 HOH 6  59 16 HOH HOH A . 
C 2 HOH 7  60 18 HOH HOH A . 
C 2 HOH 8  61 22 HOH HOH A . 
D 2 HOH 1  54 1  HOH HOH B . 
D 2 HOH 2  55 2  HOH HOH B . 
D 2 HOH 3  56 4  HOH HOH B . 
D 2 HOH 4  57 6  HOH HOH B . 
D 2 HOH 5  58 7  HOH HOH B . 
D 2 HOH 6  59 10 HOH HOH B . 
D 2 HOH 7  60 12 HOH HOH B . 
D 2 HOH 8  61 13 HOH HOH B . 
D 2 HOH 9  62 14 HOH HOH B . 
D 2 HOH 10 63 15 HOH HOH B . 
D 2 HOH 11 64 17 HOH HOH B . 
D 2 HOH 12 65 19 HOH HOH B . 
D 2 HOH 13 66 20 HOH HOH B . 
D 2 HOH 14 67 21 HOH HOH B . 
# 
loop_
_software.name 
_software.version 
_software.date 
_software.type 
_software.contact_author 
_software.contact_author_email 
_software.classification 
_software.location 
_software.language 
_software.citation_id 
_software.pdbx_ordinal 
SOLVE        2.05  05-May-2003          package 'Tom Terwilliger'    terwilliger@LANL.gov     phasing           
http://www.solve.lanl.gov/                       ?          ? 1 
RESOLVE      2.05  29-May-2003          package 'Terwilliger, T. C'  terwilliger@LANL.gov     phasing           
http://www.solve.lanl.gov/                       ?          ? 2 
CNS          .     ?                    package 'Axel T. Brunger'    axel.brunger@yale.edu    refinement        
http://cns.csb.yale.edu/v1.1/                    Fortran_77 ? 3 
DENZO        .     ?                    package 'Zbyszek Otwinowski' zbyszek@mix.swmed.edu    'data reduction'  
http://www.lnls.br/infra/linhasluz/denzo-hkl.htm ?          ? 4 
SCALEPACK    .     ?                    package 'Zbyszek Otwinowski' zbyszek@mix.swmed.edu    'data scaling'    
http://www.lnls.br/infra/linhasluz/denzo-hkl.htm ?          ? 5 
PDB_EXTRACT  3.004 'September 10, 2007' package PDB                  sw-help@rcsb.rutgers.edu 'data extraction' 
http://pdb.rutgers.edu/software/                 C++        ? 6 
CrystalClear .     ?                    ?       ?                    ?                        'data collection' ? ?          ? 7 
HKL-2000     .     ?                    ?       ?                    ?                        'data reduction'  ? ?          ? 8 
HKL-2000     .     ?                    ?       ?                    ?                        'data scaling'    ? ?          ? 9 
# 
_cell.entry_id           3CI9 
_cell.length_a           35.226 
_cell.length_b           35.226 
_cell.length_c           233.266 
_cell.angle_alpha        90.000 
_cell.angle_beta         90.000 
_cell.angle_gamma        120.000 
_cell.pdbx_unique_axis   ? 
_cell.Z_PDB              18 
_cell.length_a_esd       ? 
_cell.length_b_esd       ? 
_cell.length_c_esd       ? 
_cell.angle_alpha_esd    ? 
_cell.angle_beta_esd     ? 
_cell.angle_gamma_esd    ? 
# 
_symmetry.entry_id                         3CI9 
_symmetry.space_group_name_H-M             'H 3' 
_symmetry.Int_Tables_number                146 
_symmetry.pdbx_full_space_group_name_H-M   ? 
_symmetry.cell_setting                     ? 
_symmetry.space_group_name_Hall            ? 
# 
_exptl.crystals_number   2 
_exptl.entry_id          3CI9 
_exptl.method            'X-RAY DIFFRACTION' 
# 
_exptl_crystal.id                    1 
_exptl_crystal.density_percent_sol   51.58 
_exptl_crystal.density_Matthews      2.54 
_exptl_crystal.density_meas          ? 
_exptl_crystal.description           ? 
_exptl_crystal.F_000                 ? 
_exptl_crystal.preparation           ? 
# 
_exptl_crystal_grow.crystal_id      1 
_exptl_crystal_grow.method          'VAPOR DIFFUSION, HANGING DROP' 
_exptl_crystal_grow.pH              7.5 
_exptl_crystal_grow.temp            289 
_exptl_crystal_grow.pdbx_details    
'1.7M Ammonium Sulfate,15%(v/v) Glycerol, 20mM Hepes, pH 7.5, VAPOR DIFFUSION, HANGING DROP, temperature 289K' 
_exptl_crystal_grow.temp_details    ? 
_exptl_crystal_grow.pdbx_pH_range   . 
# 
loop_
_diffrn.id 
_diffrn.ambient_temp 
_diffrn.ambient_temp_details 
_diffrn.crystal_id 
1 100 ? 1 
2 100 ? 1 
# 
loop_
_diffrn_detector.diffrn_id 
_diffrn_detector.detector 
_diffrn_detector.type 
_diffrn_detector.pdbx_collection_date 
_diffrn_detector.details 
1 CCD 'ADSC QUANTUM 315' 2006-12-08 ? 
2 CCD 'MAR CCD 165 mm'   2005-01-01 ? 
# 
loop_
_diffrn_radiation.diffrn_id 
_diffrn_radiation.pdbx_diffrn_protocol 
_diffrn_radiation.monochromator 
_diffrn_radiation.wavelength_id 
_diffrn_radiation.pdbx_monochromatic_or_laue_m_l 
_diffrn_radiation.pdbx_scattering_type 
1 'SINGLE WAVELENGTH' ? 1 M x-ray 
2 MAD                 ? 1 M x-ray 
# 
loop_
_diffrn_radiation_wavelength.id 
_diffrn_radiation_wavelength.wavelength 
_diffrn_radiation_wavelength.wt 
1 1.0    1.0 
2 0.9799 1.0 
3 0.9802 1.0 
4 0.9000 1.0 
# 
loop_
_diffrn_source.diffrn_id 
_diffrn_source.source 
_diffrn_source.type 
_diffrn_source.pdbx_wavelength_list 
_diffrn_source.pdbx_wavelength 
_diffrn_source.pdbx_synchrotron_site 
_diffrn_source.pdbx_synchrotron_beamline 
1 SYNCHROTRON 'PHOTON FACTORY BEAMLINE BL-5A' 1.0                      ? 'Photon Factory' BL-5A 
2 SYNCHROTRON 'BSRF BEAMLINE 3W1A'            '0.9799, 0.9802, 0.9000' ? BSRF             3W1A  
# 
_reflns.entry_id                     3CI9 
_reflns.d_resolution_high            1.700 
_reflns.d_resolution_low             50.000 
_reflns.number_obs                   10975 
_reflns.pdbx_Rmerge_I_obs            0.036 
_reflns.pdbx_netI_over_sigmaI        19.100 
_reflns.pdbx_chi_squared             1.237 
_reflns.pdbx_redundancy              3.200 
_reflns.percent_possible_obs         92.100 
_reflns.observed_criterion_sigma_F   ? 
_reflns.observed_criterion_sigma_I   ? 
_reflns.number_all                   11912 
_reflns.pdbx_Rsym_value              ? 
_reflns.B_iso_Wilson_estimate        ? 
_reflns.R_free_details               ? 
_reflns.limit_h_max                  ? 
_reflns.limit_h_min                  ? 
_reflns.limit_k_max                  ? 
_reflns.limit_k_min                  ? 
_reflns.limit_l_max                  ? 
_reflns.limit_l_min                  ? 
_reflns.observed_criterion_F_max     ? 
_reflns.observed_criterion_F_min     ? 
_reflns.pdbx_scaling_rejects         ? 
_reflns.pdbx_diffrn_id               1,2 
_reflns.pdbx_ordinal                 1 
# 
loop_
_reflns_shell.d_res_high 
_reflns_shell.d_res_low 
_reflns_shell.number_measured_obs 
_reflns_shell.number_measured_all 
_reflns_shell.number_unique_obs 
_reflns_shell.Rmerge_I_obs 
_reflns_shell.meanI_over_sigI_obs 
_reflns_shell.pdbx_Rsym_value 
_reflns_shell.pdbx_chi_squared 
_reflns_shell.pdbx_redundancy 
_reflns_shell.percent_possible_obs 
_reflns_shell.number_unique_all 
_reflns_shell.percent_possible_all 
_reflns_shell.pdbx_diffrn_id 
_reflns_shell.pdbx_ordinal 
1.70 1.76  ? ? ? 0.190 ? ? 0.888 2.40 ? 718  58.90  ? 1  
1.76 1.83  ? ? ? 0.182 ? ? 0.827 2.60 ? 927  79.70  ? 2  
1.83 1.91  ? ? ? 0.172 ? ? 0.906 3.00 ? 1103 93.40  ? 3  
1.91 2.02  ? ? ? 0.119 ? ? 0.914 3.20 ? 1179 99.70  ? 4  
2.02 2.14  ? ? ? 0.080 ? ? 0.972 3.40 ? 1190 99.90  ? 5  
2.14 2.31  ? ? ? 0.058 ? ? 1.208 3.30 ? 1197 100.00 ? 6  
2.31 2.54  ? ? ? 0.052 ? ? 1.351 3.40 ? 1207 100.00 ? 7  
2.54 2.91  ? ? ? 0.041 ? ? 1.643 3.30 ? 1182 100.00 ? 8  
2.91 3.66  ? ? ? 0.030 ? ? 1.498 3.30 ? 1178 99.40  ? 9  
3.66 50.00 ? ? ? 0.029 ? ? 1.698 3.50 ? 1094 90.90  ? 10 
# 
_refine.entry_id                                 3CI9 
_refine.ls_d_res_high                            1.800 
_refine.ls_d_res_low                             25.53 
_refine.pdbx_ls_sigma_F                          163.00 
_refine.ls_percent_reflns_obs                    93.900 
_refine.ls_number_reflns_obs                     9441 
_refine.ls_R_factor_R_work                       0.195 
_refine.ls_R_factor_R_free                       0.234 
_refine.ls_percent_reflns_R_free                 9.100 
_refine.ls_number_reflns_R_free                  910 
_refine.B_iso_mean                               41.147 
_refine.solvent_model_param_bsol                 75.437 
_refine.aniso_B[1][1]                            -7.950 
_refine.aniso_B[2][2]                            -7.950 
_refine.aniso_B[3][3]                            15.900 
_refine.aniso_B[1][2]                            -6.159 
_refine.aniso_B[1][3]                            0.000 
_refine.aniso_B[2][3]                            0.000 
_refine.pdbx_method_to_determine_struct          MAD 
_refine.pdbx_ls_sigma_I                          ? 
_refine.ls_number_reflns_all                     10054 
_refine.ls_R_factor_all                          ? 
_refine.ls_R_factor_obs                          ? 
_refine.ls_redundancy_reflns_obs                 ? 
_refine.pdbx_data_cutoff_high_absF               ? 
_refine.pdbx_data_cutoff_low_absF                ? 
_refine.ls_number_parameters                     ? 
_refine.ls_number_restraints                     ? 
_refine.ls_R_factor_R_free_error                 ? 
_refine.ls_R_factor_R_free_error_details         ? 
_refine.pdbx_starting_model                      ? 
_refine.pdbx_ls_cross_valid_method               ? 
_refine.pdbx_R_Free_selection_details            ? 
_refine.pdbx_stereochem_target_val_spec_case     ? 
_refine.pdbx_stereochemistry_target_values       ? 
_refine.solvent_model_details                    ? 
_refine.solvent_model_param_ksol                 ? 
_refine.occupancy_max                            ? 
_refine.occupancy_min                            ? 
_refine.pdbx_isotropic_thermal_model             ? 
_refine.details                                  'HEMIHEDRAL TWINNING OPERATOR (H,-H-K,-L). TWINNING FRACTION 0.366.' 
_refine.B_iso_min                                ? 
_refine.B_iso_max                                ? 
_refine.correlation_coeff_Fo_to_Fc               ? 
_refine.correlation_coeff_Fo_to_Fc_free          ? 
_refine.pdbx_solvent_vdw_probe_radii             ? 
_refine.pdbx_solvent_ion_probe_radii             ? 
_refine.pdbx_solvent_shrinkage_radii             ? 
_refine.overall_SU_R_Cruickshank_DPI             ? 
_refine.overall_SU_R_free                        ? 
_refine.overall_SU_ML                            ? 
_refine.overall_SU_B                             ? 
_refine.pdbx_overall_ESU_R_Free                  ? 
_refine.pdbx_data_cutoff_high_rms_absF           ? 
_refine.pdbx_overall_ESU_R                       ? 
_refine.ls_wR_factor_R_free                      ? 
_refine.ls_wR_factor_R_work                      ? 
_refine.overall_FOM_free_R_set                   ? 
_refine.overall_FOM_work_R_set                   ? 
_refine.pdbx_overall_phase_error                 ? 
_refine.pdbx_refine_id                           'X-RAY DIFFRACTION' 
_refine.pdbx_diffrn_id                           1 
_refine.pdbx_TLS_residual_ADP_flag               ? 
_refine.pdbx_overall_SU_R_free_Cruickshank_DPI   ? 
_refine.pdbx_overall_SU_R_Blow_DPI               ? 
_refine.pdbx_overall_SU_R_free_Blow_DPI          ? 
# 
_refine_hist.pdbx_refine_id                   'X-RAY DIFFRACTION' 
_refine_hist.cycle_id                         LAST 
_refine_hist.pdbx_number_atoms_protein        710 
_refine_hist.pdbx_number_atoms_nucleic_acid   0 
_refine_hist.pdbx_number_atoms_ligand         0 
_refine_hist.number_atoms_solvent             22 
_refine_hist.number_atoms_total               732 
_refine_hist.d_res_high                       1.800 
_refine_hist.d_res_low                        25.53 
# 
loop_
_refine_ls_restr.type 
_refine_ls_restr.number 
_refine_ls_restr.dev_ideal 
_refine_ls_restr.dev_ideal_target 
_refine_ls_restr.weight 
_refine_ls_restr.pdbx_refine_id 
_refine_ls_restr.pdbx_restraint_function 
c_mcbond_it  ? 1.095 1.500 ? 'X-RAY DIFFRACTION' ? 
c_scbond_it  ? 1.918 2.000 ? 'X-RAY DIFFRACTION' ? 
c_mcangle_it ? 1.831 2.000 ? 'X-RAY DIFFRACTION' ? 
c_scangle_it ? 2.892 2.500 ? 'X-RAY DIFFRACTION' ? 
# 
loop_
_pdbx_xplor_file.serial_no 
_pdbx_xplor_file.param_file 
_pdbx_xplor_file.topol_file 
_pdbx_xplor_file.pdbx_refine_id 
1 CNS_TOPPAR:protein_rep.param ? 'X-RAY DIFFRACTION' 
2 CNS_TOPPAR:water_rep.param   ? 'X-RAY DIFFRACTION' 
# 
_struct.entry_id                  3CI9 
_struct.title                     'Crystal Structure of the human HSBP1' 
_struct.pdbx_model_details        ? 
_struct.pdbx_CASP_flag            ? 
_struct.pdbx_model_type_details   ? 
# 
_struct_keywords.entry_id        3CI9 
_struct_keywords.text            'triple helix, Nucleus, TRANSCRIPTION' 
_struct_keywords.pdbx_keywords   TRANSCRIPTION 
# 
loop_
_struct_asym.id 
_struct_asym.pdbx_blank_PDB_chainid_flag 
_struct_asym.pdbx_modified 
_struct_asym.entity_id 
_struct_asym.details 
A N N 1 ? 
B N N 1 ? 
C N N 2 ? 
D N N 2 ? 
# 
_struct_ref.id                         1 
_struct_ref.db_name                    UNP 
_struct_ref.db_code                    HSBP1_HUMAN 
_struct_ref.pdbx_db_accession          O75506 
_struct_ref.entity_id                  1 
_struct_ref.pdbx_seq_one_letter_code   PKTVQDLTSVVQTLLQQMQDKFQTMSDQIIGRIDDMSSRIDDLEKNIA 
_struct_ref.pdbx_align_begin           6 
_struct_ref.pdbx_db_isoform            ? 
# 
loop_
_struct_ref_seq.align_id 
_struct_ref_seq.ref_id 
_struct_ref_seq.pdbx_PDB_id_code 
_struct_ref_seq.pdbx_strand_id 
_struct_ref_seq.seq_align_beg 
_struct_ref_seq.pdbx_seq_align_beg_ins_code 
_struct_ref_seq.seq_align_end 
_struct_ref_seq.pdbx_seq_align_end_ins_code 
_struct_ref_seq.pdbx_db_accession 
_struct_ref_seq.db_align_beg 
_struct_ref_seq.pdbx_db_align_beg_ins_code 
_struct_ref_seq.db_align_end 
_struct_ref_seq.pdbx_db_align_end_ins_code 
_struct_ref_seq.pdbx_auth_seq_align_beg 
_struct_ref_seq.pdbx_auth_seq_align_end 
1 1 3CI9 A 1 ? 48 ? O75506 6 ? 53 ? 6 53 
2 1 3CI9 B 1 ? 48 ? O75506 6 ? 53 ? 6 53 
# 
loop_
_struct_ref_seq_dif.align_id 
_struct_ref_seq_dif.pdbx_pdb_id_code 
_struct_ref_seq_dif.mon_id 
_struct_ref_seq_dif.pdbx_pdb_strand_id 
_struct_ref_seq_dif.seq_num 
_struct_ref_seq_dif.pdbx_pdb_ins_code 
_struct_ref_seq_dif.pdbx_seq_db_name 
_struct_ref_seq_dif.pdbx_seq_db_accession_code 
_struct_ref_seq_dif.db_mon_id 
_struct_ref_seq_dif.pdbx_seq_db_seq_num 
_struct_ref_seq_dif.details 
_struct_ref_seq_dif.pdbx_auth_seq_num 
_struct_ref_seq_dif.pdbx_ordinal 
1 3CI9 ILE A 25 ? UNP O75506 MET 30 'engineered mutation' 30 1 
2 3CI9 ILE B 25 ? UNP O75506 MET 30 'engineered mutation' 30 2 
# 
_pdbx_struct_assembly.id                   1 
_pdbx_struct_assembly.details              author_and_software_defined_assembly 
_pdbx_struct_assembly.method_details       PISA 
_pdbx_struct_assembly.oligomeric_details   hexameric 
_pdbx_struct_assembly.oligomeric_count     6 
# 
loop_
_pdbx_struct_assembly_prop.biol_id 
_pdbx_struct_assembly_prop.type 
_pdbx_struct_assembly_prop.value 
_pdbx_struct_assembly_prop.details 
1 'ABSA (A^2)' 11940 ? 
1 MORE         -114  ? 
1 'SSA (A^2)'  14590 ? 
# 
_pdbx_struct_assembly_gen.assembly_id       1 
_pdbx_struct_assembly_gen.oper_expression   1,2,3 
_pdbx_struct_assembly_gen.asym_id_list      A,B,C,D 
# 
loop_
_pdbx_struct_oper_list.id 
_pdbx_struct_oper_list.type 
_pdbx_struct_oper_list.name 
_pdbx_struct_oper_list.symmetry_operation 
_pdbx_struct_oper_list.matrix[1][1] 
_pdbx_struct_oper_list.matrix[1][2] 
_pdbx_struct_oper_list.matrix[1][3] 
_pdbx_struct_oper_list.vector[1] 
_pdbx_struct_oper_list.matrix[2][1] 
_pdbx_struct_oper_list.matrix[2][2] 
_pdbx_struct_oper_list.matrix[2][3] 
_pdbx_struct_oper_list.vector[2] 
_pdbx_struct_oper_list.matrix[3][1] 
_pdbx_struct_oper_list.matrix[3][2] 
_pdbx_struct_oper_list.matrix[3][3] 
_pdbx_struct_oper_list.vector[3] 
1 'identity operation'         1_555 x,y,z         1.0000000000 0.0000000000 0.0000000000  0.0000000000 0.0000000000 1.0000000000 0.0000000000  0.0000000000  0.0000000000  0.0000000000  1.0000000000  0.0000000000  
2 'crystal symmetry operation' 2_455 -y-1,x-y,z    0.0086721122 0.9998505159 0.0149579554  7.7918372534 0.0235536706 0.0147501228 -0.9996137547 -3.2440948800 -0.9996849599 0.0090210774  -0.0234222350 4.6784137375  
3 'crystal symmetry operation' 3_445 -x+y-1,-x-1,z 0.0086721122 0.0235536706 -0.9996849599 4.6857785053 0.9998505159 0.0147501228 0.0090210774  -7.7850260321 0.0149579554  -0.9996137547 -0.0234222350 -3.2498129119 
# 
_struct_biol.id        1 
_struct_biol.details   ? 
# 
loop_
_struct_conf.conf_type_id 
_struct_conf.id 
_struct_conf.pdbx_PDB_helix_id 
_struct_conf.beg_label_comp_id 
_struct_conf.beg_label_asym_id 
_struct_conf.beg_label_seq_id 
_struct_conf.pdbx_beg_PDB_ins_code 
_struct_conf.end_label_comp_id 
_struct_conf.end_label_asym_id 
_struct_conf.end_label_seq_id 
_struct_conf.pdbx_end_PDB_ins_code 
_struct_conf.beg_auth_comp_id 
_struct_conf.beg_auth_asym_id 
_struct_conf.beg_auth_seq_id 
_struct_conf.end_auth_comp_id 
_struct_conf.end_auth_asym_id 
_struct_conf.end_auth_seq_id 
_struct_conf.pdbx_PDB_helix_class 
_struct_conf.details 
_struct_conf.pdbx_PDB_helix_length 
HELX_P HELX_P1 1 THR A 3 ? ASP A 42 ? THR A 8 ASP A 47 1 ? 40 
HELX_P HELX_P2 2 VAL B 4 ? ALA B 48 ? VAL B 9 ALA B 53 1 ? 45 
# 
_struct_conf_type.id          HELX_P 
_struct_conf_type.criteria    ? 
_struct_conf_type.reference   ? 
# 
loop_
_pdbx_phasing_MAD_set_site.id 
_pdbx_phasing_MAD_set_site.atom_type_symbol 
_pdbx_phasing_MAD_set_site.occupancy 
_pdbx_phasing_MAD_set_site.fract_x 
_pdbx_phasing_MAD_set_site.fract_y 
_pdbx_phasing_MAD_set_site.fract_z 
_pdbx_phasing_MAD_set_site.b_iso 
1 Se 1.089 0.606 0.339 0.333 60.000 
2 Se 0.644 0.232 0.606 0.313 46.390 
3 Se 0.633 0.610 0.322 0.216 60.000 
# 
loop_
_pdbx_phasing_MAD_shell.d_res_low 
_pdbx_phasing_MAD_shell.d_res_high 
_pdbx_phasing_MAD_shell.reflns 
_pdbx_phasing_MAD_shell.fom 
50.00 9.39 148 0.740 
9.39  5.92 276 0.640 
5.92  4.62 344 0.600 
4.62  3.92 408 0.560 
3.92  3.46 458 0.400 
3.46  3.13 490 0.270 
3.13  2.88 550 0.190 
2.88  2.68 527 0.110 
# 
_pdbx_phasing_dm.entry_id          3CI9 
_pdbx_phasing_dm.fom_acentric      0.640 
_pdbx_phasing_dm.fom_centric       0.000 
_pdbx_phasing_dm.fom               0.640 
_pdbx_phasing_dm.reflns_acentric   3289 
_pdbx_phasing_dm.reflns_centric    0 
_pdbx_phasing_dm.reflns            3289 
# 
loop_
_pdbx_phasing_dm_shell.d_res_high 
_pdbx_phasing_dm_shell.d_res_low 
_pdbx_phasing_dm_shell.delta_phi_final 
_pdbx_phasing_dm_shell.delta_phi_initial 
_pdbx_phasing_dm_shell.fom_acentric 
_pdbx_phasing_dm_shell.fom_centric 
_pdbx_phasing_dm_shell.fom 
_pdbx_phasing_dm_shell.reflns_acentric 
_pdbx_phasing_dm_shell.reflns_centric 
_pdbx_phasing_dm_shell.reflns 
7.400 30.145 ? ? 0.800 ? 0.800 142  ? 142  
4.600 7.400  ? ? 0.730 ? 0.730 444  ? 444  
3.700 4.600  ? ? 0.700 ? 0.700 559  ? 559  
3.300 3.700  ? ? 0.710 ? 0.710 545  ? 545  
2.800 3.300  ? ? 0.620 ? 0.620 1005 ? 1005 
2.600 2.800  ? ? 0.450 ? 0.450 594  ? 594  
# 
_phasing.method   MAD 
# 
_phasing_MAD.entry_id          3CI9 
_phasing_MAD.pdbx_d_res_high   2.60 
_phasing_MAD.pdbx_d_res_low    50.00 
_phasing_MAD.pdbx_reflns       3201 
_phasing_MAD.pdbx_fom          0.370 
# 
_phasing_MAD_clust.id           1 
_phasing_MAD_clust.expt_id      '3 wavelength' 
_phasing_MAD_clust.number_set   ? 
# 
_phasing_MAD_expt.id         '3 wavelength' 
_phasing_MAD_expt.mean_fom   ? 
# 
loop_
_phasing_MAD_set.clust_id 
_phasing_MAD_set.expt_id 
_phasing_MAD_set.set_id 
_phasing_MAD_set.wavelength 
_phasing_MAD_set.pdbx_f_prime_refined 
_phasing_MAD_set.pdbx_f_double_prime_refined 
1 '3 wavelength' 1 0.9799 -8.36  6.74 
1 '3 wavelength' 2 0.9802 -12.03 4.35 
1 '3 wavelength' 3 0.9000 -2.11  3.48 
# 
loop_
_phasing_set.id 
_phasing_set.pdbx_d_res_high 
_phasing_set.pdbx_d_res_low 
1 . . 
2 . . 
3 . . 
# 
loop_
_pdbx_unobs_or_zero_occ_residues.id 
_pdbx_unobs_or_zero_occ_residues.PDB_model_num 
_pdbx_unobs_or_zero_occ_residues.polymer_flag 
_pdbx_unobs_or_zero_occ_residues.occupancy_flag 
_pdbx_unobs_or_zero_occ_residues.auth_asym_id 
_pdbx_unobs_or_zero_occ_residues.auth_comp_id 
_pdbx_unobs_or_zero_occ_residues.auth_seq_id 
_pdbx_unobs_or_zero_occ_residues.PDB_ins_code 
_pdbx_unobs_or_zero_occ_residues.label_asym_id 
_pdbx_unobs_or_zero_occ_residues.label_comp_id 
_pdbx_unobs_or_zero_occ_residues.label_seq_id 
1 1 Y 1 A LYS 50 ? A LYS 45 
2 1 Y 1 A ASN 51 ? A ASN 46 
3 1 Y 1 A ILE 52 ? A ILE 47 
4 1 Y 1 A ALA 53 ? A ALA 48 
5 1 Y 1 B PRO 6  ? B PRO 1  
6 1 Y 1 B LYS 7  ? B LYS 2  
7 1 Y 1 B THR 8  ? B THR 3  
# 
loop_
_chem_comp_atom.comp_id 
_chem_comp_atom.atom_id 
_chem_comp_atom.type_symbol 
_chem_comp_atom.pdbx_aromatic_flag 
_chem_comp_atom.pdbx_stereo_config 
_chem_comp_atom.pdbx_ordinal 
ALA N    N N N 1   
ALA CA   C N S 2   
ALA C    C N N 3   
ALA O    O N N 4   
ALA CB   C N N 5   
ALA OXT  O N N 6   
ALA H    H N N 7   
ALA H2   H N N 8   
ALA HA   H N N 9   
ALA HB1  H N N 10  
ALA HB2  H N N 11  
ALA HB3  H N N 12  
ALA HXT  H N N 13  
ARG N    N N N 14  
ARG CA   C N S 15  
ARG C    C N N 16  
ARG O    O N N 17  
ARG CB   C N N 18  
ARG CG   C N N 19  
ARG CD   C N N 20  
ARG NE   N N N 21  
ARG CZ   C N N 22  
ARG NH1  N N N 23  
ARG NH2  N N N 24  
ARG OXT  O N N 25  
ARG H    H N N 26  
ARG H2   H N N 27  
ARG HA   H N N 28  
ARG HB2  H N N 29  
ARG HB3  H N N 30  
ARG HG2  H N N 31  
ARG HG3  H N N 32  
ARG HD2  H N N 33  
ARG HD3  H N N 34  
ARG HE   H N N 35  
ARG HH11 H N N 36  
ARG HH12 H N N 37  
ARG HH21 H N N 38  
ARG HH22 H N N 39  
ARG HXT  H N N 40  
ASN N    N N N 41  
ASN CA   C N S 42  
ASN C    C N N 43  
ASN O    O N N 44  
ASN CB   C N N 45  
ASN CG   C N N 46  
ASN OD1  O N N 47  
ASN ND2  N N N 48  
ASN OXT  O N N 49  
ASN H    H N N 50  
ASN H2   H N N 51  
ASN HA   H N N 52  
ASN HB2  H N N 53  
ASN HB3  H N N 54  
ASN HD21 H N N 55  
ASN HD22 H N N 56  
ASN HXT  H N N 57  
ASP N    N N N 58  
ASP CA   C N S 59  
ASP C    C N N 60  
ASP O    O N N 61  
ASP CB   C N N 62  
ASP CG   C N N 63  
ASP OD1  O N N 64  
ASP OD2  O N N 65  
ASP OXT  O N N 66  
ASP H    H N N 67  
ASP H2   H N N 68  
ASP HA   H N N 69  
ASP HB2  H N N 70  
ASP HB3  H N N 71  
ASP HD2  H N N 72  
ASP HXT  H N N 73  
GLN N    N N N 74  
GLN CA   C N S 75  
GLN C    C N N 76  
GLN O    O N N 77  
GLN CB   C N N 78  
GLN CG   C N N 79  
GLN CD   C N N 80  
GLN OE1  O N N 81  
GLN NE2  N N N 82  
GLN OXT  O N N 83  
GLN H    H N N 84  
GLN H2   H N N 85  
GLN HA   H N N 86  
GLN HB2  H N N 87  
GLN HB3  H N N 88  
GLN HG2  H N N 89  
GLN HG3  H N N 90  
GLN HE21 H N N 91  
GLN HE22 H N N 92  
GLN HXT  H N N 93  
GLU N    N N N 94  
GLU CA   C N S 95  
GLU C    C N N 96  
GLU O    O N N 97  
GLU CB   C N N 98  
GLU CG   C N N 99  
GLU CD   C N N 100 
GLU OE1  O N N 101 
GLU OE2  O N N 102 
GLU OXT  O N N 103 
GLU H    H N N 104 
GLU H2   H N N 105 
GLU HA   H N N 106 
GLU HB2  H N N 107 
GLU HB3  H N N 108 
GLU HG2  H N N 109 
GLU HG3  H N N 110 
GLU HE2  H N N 111 
GLU HXT  H N N 112 
GLY N    N N N 113 
GLY CA   C N N 114 
GLY C    C N N 115 
GLY O    O N N 116 
GLY OXT  O N N 117 
GLY H    H N N 118 
GLY H2   H N N 119 
GLY HA2  H N N 120 
GLY HA3  H N N 121 
GLY HXT  H N N 122 
HOH O    O N N 123 
HOH H1   H N N 124 
HOH H2   H N N 125 
ILE N    N N N 126 
ILE CA   C N S 127 
ILE C    C N N 128 
ILE O    O N N 129 
ILE CB   C N S 130 
ILE CG1  C N N 131 
ILE CG2  C N N 132 
ILE CD1  C N N 133 
ILE OXT  O N N 134 
ILE H    H N N 135 
ILE H2   H N N 136 
ILE HA   H N N 137 
ILE HB   H N N 138 
ILE HG12 H N N 139 
ILE HG13 H N N 140 
ILE HG21 H N N 141 
ILE HG22 H N N 142 
ILE HG23 H N N 143 
ILE HD11 H N N 144 
ILE HD12 H N N 145 
ILE HD13 H N N 146 
ILE HXT  H N N 147 
LEU N    N N N 148 
LEU CA   C N S 149 
LEU C    C N N 150 
LEU O    O N N 151 
LEU CB   C N N 152 
LEU CG   C N N 153 
LEU CD1  C N N 154 
LEU CD2  C N N 155 
LEU OXT  O N N 156 
LEU H    H N N 157 
LEU H2   H N N 158 
LEU HA   H N N 159 
LEU HB2  H N N 160 
LEU HB3  H N N 161 
LEU HG   H N N 162 
LEU HD11 H N N 163 
LEU HD12 H N N 164 
LEU HD13 H N N 165 
LEU HD21 H N N 166 
LEU HD22 H N N 167 
LEU HD23 H N N 168 
LEU HXT  H N N 169 
LYS N    N N N 170 
LYS CA   C N S 171 
LYS C    C N N 172 
LYS O    O N N 173 
LYS CB   C N N 174 
LYS CG   C N N 175 
LYS CD   C N N 176 
LYS CE   C N N 177 
LYS NZ   N N N 178 
LYS OXT  O N N 179 
LYS H    H N N 180 
LYS H2   H N N 181 
LYS HA   H N N 182 
LYS HB2  H N N 183 
LYS HB3  H N N 184 
LYS HG2  H N N 185 
LYS HG3  H N N 186 
LYS HD2  H N N 187 
LYS HD3  H N N 188 
LYS HE2  H N N 189 
LYS HE3  H N N 190 
LYS HZ1  H N N 191 
LYS HZ2  H N N 192 
LYS HZ3  H N N 193 
LYS HXT  H N N 194 
MET N    N N N 195 
MET CA   C N S 196 
MET C    C N N 197 
MET O    O N N 198 
MET CB   C N N 199 
MET CG   C N N 200 
MET SD   S N N 201 
MET CE   C N N 202 
MET OXT  O N N 203 
MET H    H N N 204 
MET H2   H N N 205 
MET HA   H N N 206 
MET HB2  H N N 207 
MET HB3  H N N 208 
MET HG2  H N N 209 
MET HG3  H N N 210 
MET HE1  H N N 211 
MET HE2  H N N 212 
MET HE3  H N N 213 
MET HXT  H N N 214 
PHE N    N N N 215 
PHE CA   C N S 216 
PHE C    C N N 217 
PHE O    O N N 218 
PHE CB   C N N 219 
PHE CG   C Y N 220 
PHE CD1  C Y N 221 
PHE CD2  C Y N 222 
PHE CE1  C Y N 223 
PHE CE2  C Y N 224 
PHE CZ   C Y N 225 
PHE OXT  O N N 226 
PHE H    H N N 227 
PHE H2   H N N 228 
PHE HA   H N N 229 
PHE HB2  H N N 230 
PHE HB3  H N N 231 
PHE HD1  H N N 232 
PHE HD2  H N N 233 
PHE HE1  H N N 234 
PHE HE2  H N N 235 
PHE HZ   H N N 236 
PHE HXT  H N N 237 
PRO N    N N N 238 
PRO CA   C N S 239 
PRO C    C N N 240 
PRO O    O N N 241 
PRO CB   C N N 242 
PRO CG   C N N 243 
PRO CD   C N N 244 
PRO OXT  O N N 245 
PRO H    H N N 246 
PRO HA   H N N 247 
PRO HB2  H N N 248 
PRO HB3  H N N 249 
PRO HG2  H N N 250 
PRO HG3  H N N 251 
PRO HD2  H N N 252 
PRO HD3  H N N 253 
PRO HXT  H N N 254 
SER N    N N N 255 
SER CA   C N S 256 
SER C    C N N 257 
SER O    O N N 258 
SER CB   C N N 259 
SER OG   O N N 260 
SER OXT  O N N 261 
SER H    H N N 262 
SER H2   H N N 263 
SER HA   H N N 264 
SER HB2  H N N 265 
SER HB3  H N N 266 
SER HG   H N N 267 
SER HXT  H N N 268 
THR N    N N N 269 
THR CA   C N S 270 
THR C    C N N 271 
THR O    O N N 272 
THR CB   C N R 273 
THR OG1  O N N 274 
THR CG2  C N N 275 
THR OXT  O N N 276 
THR H    H N N 277 
THR H2   H N N 278 
THR HA   H N N 279 
THR HB   H N N 280 
THR HG1  H N N 281 
THR HG21 H N N 282 
THR HG22 H N N 283 
THR HG23 H N N 284 
THR HXT  H N N 285 
VAL N    N N N 286 
VAL CA   C N S 287 
VAL C    C N N 288 
VAL O    O N N 289 
VAL CB   C N N 290 
VAL CG1  C N N 291 
VAL CG2  C N N 292 
VAL OXT  O N N 293 
VAL H    H N N 294 
VAL H2   H N N 295 
VAL HA   H N N 296 
VAL HB   H N N 297 
VAL HG11 H N N 298 
VAL HG12 H N N 299 
VAL HG13 H N N 300 
VAL HG21 H N N 301 
VAL HG22 H N N 302 
VAL HG23 H N N 303 
VAL HXT  H N N 304 
# 
loop_
_chem_comp_bond.comp_id 
_chem_comp_bond.atom_id_1 
_chem_comp_bond.atom_id_2 
_chem_comp_bond.value_order 
_chem_comp_bond.pdbx_aromatic_flag 
_chem_comp_bond.pdbx_stereo_config 
_chem_comp_bond.pdbx_ordinal 
ALA N   CA   sing N N 1   
ALA N   H    sing N N 2   
ALA N   H2   sing N N 3   
ALA CA  C    sing N N 4   
ALA CA  CB   sing N N 5   
ALA CA  HA   sing N N 6   
ALA C   O    doub N N 7   
ALA C   OXT  sing N N 8   
ALA CB  HB1  sing N N 9   
ALA CB  HB2  sing N N 10  
ALA CB  HB3  sing N N 11  
ALA OXT HXT  sing N N 12  
ARG N   CA   sing N N 13  
ARG N   H    sing N N 14  
ARG N   H2   sing N N 15  
ARG CA  C    sing N N 16  
ARG CA  CB   sing N N 17  
ARG CA  HA   sing N N 18  
ARG C   O    doub N N 19  
ARG C   OXT  sing N N 20  
ARG CB  CG   sing N N 21  
ARG CB  HB2  sing N N 22  
ARG CB  HB3  sing N N 23  
ARG CG  CD   sing N N 24  
ARG CG  HG2  sing N N 25  
ARG CG  HG3  sing N N 26  
ARG CD  NE   sing N N 27  
ARG CD  HD2  sing N N 28  
ARG CD  HD3  sing N N 29  
ARG NE  CZ   sing N N 30  
ARG NE  HE   sing N N 31  
ARG CZ  NH1  sing N N 32  
ARG CZ  NH2  doub N N 33  
ARG NH1 HH11 sing N N 34  
ARG NH1 HH12 sing N N 35  
ARG NH2 HH21 sing N N 36  
ARG NH2 HH22 sing N N 37  
ARG OXT HXT  sing N N 38  
ASN N   CA   sing N N 39  
ASN N   H    sing N N 40  
ASN N   H2   sing N N 41  
ASN CA  C    sing N N 42  
ASN CA  CB   sing N N 43  
ASN CA  HA   sing N N 44  
ASN C   O    doub N N 45  
ASN C   OXT  sing N N 46  
ASN CB  CG   sing N N 47  
ASN CB  HB2  sing N N 48  
ASN CB  HB3  sing N N 49  
ASN CG  OD1  doub N N 50  
ASN CG  ND2  sing N N 51  
ASN ND2 HD21 sing N N 52  
ASN ND2 HD22 sing N N 53  
ASN OXT HXT  sing N N 54  
ASP N   CA   sing N N 55  
ASP N   H    sing N N 56  
ASP N   H2   sing N N 57  
ASP CA  C    sing N N 58  
ASP CA  CB   sing N N 59  
ASP CA  HA   sing N N 60  
ASP C   O    doub N N 61  
ASP C   OXT  sing N N 62  
ASP CB  CG   sing N N 63  
ASP CB  HB2  sing N N 64  
ASP CB  HB3  sing N N 65  
ASP CG  OD1  doub N N 66  
ASP CG  OD2  sing N N 67  
ASP OD2 HD2  sing N N 68  
ASP OXT HXT  sing N N 69  
GLN N   CA   sing N N 70  
GLN N   H    sing N N 71  
GLN N   H2   sing N N 72  
GLN CA  C    sing N N 73  
GLN CA  CB   sing N N 74  
GLN CA  HA   sing N N 75  
GLN C   O    doub N N 76  
GLN C   OXT  sing N N 77  
GLN CB  CG   sing N N 78  
GLN CB  HB2  sing N N 79  
GLN CB  HB3  sing N N 80  
GLN CG  CD   sing N N 81  
GLN CG  HG2  sing N N 82  
GLN CG  HG3  sing N N 83  
GLN CD  OE1  doub N N 84  
GLN CD  NE2  sing N N 85  
GLN NE2 HE21 sing N N 86  
GLN NE2 HE22 sing N N 87  
GLN OXT HXT  sing N N 88  
GLU N   CA   sing N N 89  
GLU N   H    sing N N 90  
GLU N   H2   sing N N 91  
GLU CA  C    sing N N 92  
GLU CA  CB   sing N N 93  
GLU CA  HA   sing N N 94  
GLU C   O    doub N N 95  
GLU C   OXT  sing N N 96  
GLU CB  CG   sing N N 97  
GLU CB  HB2  sing N N 98  
GLU CB  HB3  sing N N 99  
GLU CG  CD   sing N N 100 
GLU CG  HG2  sing N N 101 
GLU CG  HG3  sing N N 102 
GLU CD  OE1  doub N N 103 
GLU CD  OE2  sing N N 104 
GLU OE2 HE2  sing N N 105 
GLU OXT HXT  sing N N 106 
GLY N   CA   sing N N 107 
GLY N   H    sing N N 108 
GLY N   H2   sing N N 109 
GLY CA  C    sing N N 110 
GLY CA  HA2  sing N N 111 
GLY CA  HA3  sing N N 112 
GLY C   O    doub N N 113 
GLY C   OXT  sing N N 114 
GLY OXT HXT  sing N N 115 
HOH O   H1   sing N N 116 
HOH O   H2   sing N N 117 
ILE N   CA   sing N N 118 
ILE N   H    sing N N 119 
ILE N   H2   sing N N 120 
ILE CA  C    sing N N 121 
ILE CA  CB   sing N N 122 
ILE CA  HA   sing N N 123 
ILE C   O    doub N N 124 
ILE C   OXT  sing N N 125 
ILE CB  CG1  sing N N 126 
ILE CB  CG2  sing N N 127 
ILE CB  HB   sing N N 128 
ILE CG1 CD1  sing N N 129 
ILE CG1 HG12 sing N N 130 
ILE CG1 HG13 sing N N 131 
ILE CG2 HG21 sing N N 132 
ILE CG2 HG22 sing N N 133 
ILE CG2 HG23 sing N N 134 
ILE CD1 HD11 sing N N 135 
ILE CD1 HD12 sing N N 136 
ILE CD1 HD13 sing N N 137 
ILE OXT HXT  sing N N 138 
LEU N   CA   sing N N 139 
LEU N   H    sing N N 140 
LEU N   H2   sing N N 141 
LEU CA  C    sing N N 142 
LEU CA  CB   sing N N 143 
LEU CA  HA   sing N N 144 
LEU C   O    doub N N 145 
LEU C   OXT  sing N N 146 
LEU CB  CG   sing N N 147 
LEU CB  HB2  sing N N 148 
LEU CB  HB3  sing N N 149 
LEU CG  CD1  sing N N 150 
LEU CG  CD2  sing N N 151 
LEU CG  HG   sing N N 152 
LEU CD1 HD11 sing N N 153 
LEU CD1 HD12 sing N N 154 
LEU CD1 HD13 sing N N 155 
LEU CD2 HD21 sing N N 156 
LEU CD2 HD22 sing N N 157 
LEU CD2 HD23 sing N N 158 
LEU OXT HXT  sing N N 159 
LYS N   CA   sing N N 160 
LYS N   H    sing N N 161 
LYS N   H2   sing N N 162 
LYS CA  C    sing N N 163 
LYS CA  CB   sing N N 164 
LYS CA  HA   sing N N 165 
LYS C   O    doub N N 166 
LYS C   OXT  sing N N 167 
LYS CB  CG   sing N N 168 
LYS CB  HB2  sing N N 169 
LYS CB  HB3  sing N N 170 
LYS CG  CD   sing N N 171 
LYS CG  HG2  sing N N 172 
LYS CG  HG3  sing N N 173 
LYS CD  CE   sing N N 174 
LYS CD  HD2  sing N N 175 
LYS CD  HD3  sing N N 176 
LYS CE  NZ   sing N N 177 
LYS CE  HE2  sing N N 178 
LYS CE  HE3  sing N N 179 
LYS NZ  HZ1  sing N N 180 
LYS NZ  HZ2  sing N N 181 
LYS NZ  HZ3  sing N N 182 
LYS OXT HXT  sing N N 183 
MET N   CA   sing N N 184 
MET N   H    sing N N 185 
MET N   H2   sing N N 186 
MET CA  C    sing N N 187 
MET CA  CB   sing N N 188 
MET CA  HA   sing N N 189 
MET C   O    doub N N 190 
MET C   OXT  sing N N 191 
MET CB  CG   sing N N 192 
MET CB  HB2  sing N N 193 
MET CB  HB3  sing N N 194 
MET CG  SD   sing N N 195 
MET CG  HG2  sing N N 196 
MET CG  HG3  sing N N 197 
MET SD  CE   sing N N 198 
MET CE  HE1  sing N N 199 
MET CE  HE2  sing N N 200 
MET CE  HE3  sing N N 201 
MET OXT HXT  sing N N 202 
PHE N   CA   sing N N 203 
PHE N   H    sing N N 204 
PHE N   H2   sing N N 205 
PHE CA  C    sing N N 206 
PHE CA  CB   sing N N 207 
PHE CA  HA   sing N N 208 
PHE C   O    doub N N 209 
PHE C   OXT  sing N N 210 
PHE CB  CG   sing N N 211 
PHE CB  HB2  sing N N 212 
PHE CB  HB3  sing N N 213 
PHE CG  CD1  doub Y N 214 
PHE CG  CD2  sing Y N 215 
PHE CD1 CE1  sing Y N 216 
PHE CD1 HD1  sing N N 217 
PHE CD2 CE2  doub Y N 218 
PHE CD2 HD2  sing N N 219 
PHE CE1 CZ   doub Y N 220 
PHE CE1 HE1  sing N N 221 
PHE CE2 CZ   sing Y N 222 
PHE CE2 HE2  sing N N 223 
PHE CZ  HZ   sing N N 224 
PHE OXT HXT  sing N N 225 
PRO N   CA   sing N N 226 
PRO N   CD   sing N N 227 
PRO N   H    sing N N 228 
PRO CA  C    sing N N 229 
PRO CA  CB   sing N N 230 
PRO CA  HA   sing N N 231 
PRO C   O    doub N N 232 
PRO C   OXT  sing N N 233 
PRO CB  CG   sing N N 234 
PRO CB  HB2  sing N N 235 
PRO CB  HB3  sing N N 236 
PRO CG  CD   sing N N 237 
PRO CG  HG2  sing N N 238 
PRO CG  HG3  sing N N 239 
PRO CD  HD2  sing N N 240 
PRO CD  HD3  sing N N 241 
PRO OXT HXT  sing N N 242 
SER N   CA   sing N N 243 
SER N   H    sing N N 244 
SER N   H2   sing N N 245 
SER CA  C    sing N N 246 
SER CA  CB   sing N N 247 
SER CA  HA   sing N N 248 
SER C   O    doub N N 249 
SER C   OXT  sing N N 250 
SER CB  OG   sing N N 251 
SER CB  HB2  sing N N 252 
SER CB  HB3  sing N N 253 
SER OG  HG   sing N N 254 
SER OXT HXT  sing N N 255 
THR N   CA   sing N N 256 
THR N   H    sing N N 257 
THR N   H2   sing N N 258 
THR CA  C    sing N N 259 
THR CA  CB   sing N N 260 
THR CA  HA   sing N N 261 
THR C   O    doub N N 262 
THR C   OXT  sing N N 263 
THR CB  OG1  sing N N 264 
THR CB  CG2  sing N N 265 
THR CB  HB   sing N N 266 
THR OG1 HG1  sing N N 267 
THR CG2 HG21 sing N N 268 
THR CG2 HG22 sing N N 269 
THR CG2 HG23 sing N N 270 
THR OXT HXT  sing N N 271 
VAL N   CA   sing N N 272 
VAL N   H    sing N N 273 
VAL N   H2   sing N N 274 
VAL CA  C    sing N N 275 
VAL CA  CB   sing N N 276 
VAL CA  HA   sing N N 277 
VAL C   O    doub N N 278 
VAL C   OXT  sing N N 279 
VAL CB  CG1  sing N N 280 
VAL CB  CG2  sing N N 281 
VAL CB  HB   sing N N 282 
VAL CG1 HG11 sing N N 283 
VAL CG1 HG12 sing N N 284 
VAL CG1 HG13 sing N N 285 
VAL CG2 HG21 sing N N 286 
VAL CG2 HG22 sing N N 287 
VAL CG2 HG23 sing N N 288 
VAL OXT HXT  sing N N 289 
# 
_pdbx_reflns_twin.type         hemihedral 
_pdbx_reflns_twin.operator     h,-h-k,-l 
_pdbx_reflns_twin.fraction     0.366 
_pdbx_reflns_twin.domain_id    ? 
_pdbx_reflns_twin.crystal_id   1 
_pdbx_reflns_twin.diffrn_id    1 
# 
_atom_sites.entry_id                    3CI9 
_atom_sites.fract_transf_matrix[1][1]   0.00493316 
_atom_sites.fract_transf_matrix[1][2]   0.01978889 
_atom_sites.fract_transf_matrix[1][3]   0.02566270 
_atom_sites.fract_transf_matrix[2][1]   0.02514590 
_atom_sites.fract_transf_matrix[2][2]   -0.00545573 
_atom_sites.fract_transf_matrix[2][3]   0.02030879 
_atom_sites.fract_transf_matrix[3][1]   0.00249647 
_atom_sites.fract_transf_matrix[3][2]   0.00251134 
_atom_sites.fract_transf_matrix[3][3]   -0.00241643 
_atom_sites.fract_transf_vector[1]      -0.626653 
_atom_sites.fract_transf_vector[2]      -0.467651 
_atom_sites.fract_transf_vector[3]      -0.167578 
# 
loop_
_atom_type.symbol 
C 
N 
O 
S 
# 
loop_
_atom_site.group_PDB 
_atom_site.id 
_atom_site.type_symbol 
_atom_site.label_atom_id 
_atom_site.label_alt_id 
_atom_site.label_comp_id 
_atom_site.label_asym_id 
_atom_site.label_entity_id 
_atom_site.label_seq_id 
_atom_site.pdbx_PDB_ins_code 
_atom_site.Cartn_x 
_atom_site.Cartn_y 
_atom_site.Cartn_z 
_atom_site.occupancy 
_atom_site.B_iso_or_equiv 
_atom_site.pdbx_formal_charge 
_atom_site.auth_seq_id 
_atom_site.auth_comp_id 
_atom_site.auth_asym_id 
_atom_site.auth_atom_id 
_atom_site.pdbx_PDB_model_num 
ATOM   1   N N   . PRO A 1 1  ? -3.805  4.428   12.396  1.00 58.62 ? 6  PRO A N   1 
ATOM   2   C CA  . PRO A 1 1  ? -4.820  5.178   11.652  1.00 59.02 ? 6  PRO A CA  1 
ATOM   3   C C   . PRO A 1 1  ? -4.564  5.143   10.150  1.00 58.98 ? 6  PRO A C   1 
ATOM   4   O O   . PRO A 1 1  ? -5.105  5.965   9.411   1.00 58.54 ? 6  PRO A O   1 
ATOM   5   C CB  . PRO A 1 1  ? -4.651  6.604   12.180  1.00 58.43 ? 6  PRO A CB  1 
ATOM   6   C CG  . PRO A 1 1  ? -4.116  6.428   13.556  1.00 58.04 ? 6  PRO A CG  1 
ATOM   7   C CD  . PRO A 1 1  ? -3.230  5.215   13.500  1.00 58.15 ? 6  PRO A CD  1 
ATOM   8   N N   . LYS A 1 2  ? -3.744  4.194   9.707   1.00 59.78 ? 7  LYS A N   1 
ATOM   9   C CA  . LYS A 1 2  ? -3.167  4.244   8.368   1.00 59.16 ? 7  LYS A CA  1 
ATOM   10  C C   . LYS A 1 2  ? -3.791  3.190   7.459   1.00 58.75 ? 7  LYS A C   1 
ATOM   11  O O   . LYS A 1 2  ? -3.977  2.042   7.860   1.00 58.36 ? 7  LYS A O   1 
ATOM   12  C CB  . LYS A 1 2  ? -1.651  4.051   8.432   1.00 59.03 ? 7  LYS A CB  1 
ATOM   13  C CG  . LYS A 1 2  ? -0.857  5.346   8.368   1.00 57.90 ? 7  LYS A CG  1 
ATOM   14  C CD  . LYS A 1 2  ? 0.324   5.319   9.325   1.00 57.92 ? 7  LYS A CD  1 
ATOM   15  C CE  . LYS A 1 2  ? 1.036   6.661   9.362   1.00 56.55 ? 7  LYS A CE  1 
ATOM   16  N NZ  . LYS A 1 2  ? 2.223   6.634   10.261  1.00 55.69 ? 7  LYS A NZ  1 
ATOM   17  N N   . THR A 1 3  ? -4.113  3.590   6.233   1.00 58.63 ? 8  THR A N   1 
ATOM   18  C CA  . THR A 1 3  ? -4.696  2.680   5.261   1.00 58.19 ? 8  THR A CA  1 
ATOM   19  C C   . THR A 1 3  ? -3.744  2.578   4.079   1.00 58.25 ? 8  THR A C   1 
ATOM   20  O O   . THR A 1 3  ? -2.646  3.143   4.097   1.00 56.21 ? 8  THR A O   1 
ATOM   21  C CB  . THR A 1 3  ? -6.074  3.170   4.755   1.00 58.52 ? 8  THR A CB  1 
ATOM   22  O OG1 . THR A 1 3  ? -6.455  2.406   3.603   1.00 58.47 ? 8  THR A OG1 1 
ATOM   23  C CG2 . THR A 1 3  ? -6.032  4.647   4.390   1.00 57.53 ? 8  THR A CG2 1 
ATOM   24  N N   . VAL A 1 4  ? -4.169  1.856   3.051   1.00 59.26 ? 9  VAL A N   1 
ATOM   25  C CA  . VAL A 1 4  ? -3.344  1.680   1.874   1.00 60.87 ? 9  VAL A CA  1 
ATOM   26  C C   . VAL A 1 4  ? -2.951  3.036   1.313   1.00 62.51 ? 9  VAL A C   1 
ATOM   27  O O   . VAL A 1 4  ? -1.795  3.246   0.935   1.00 63.36 ? 9  VAL A O   1 
ATOM   28  C CB  . VAL A 1 4  ? -4.079  0.882   0.789   1.00 60.94 ? 9  VAL A CB  1 
ATOM   29  C CG1 . VAL A 1 4  ? -3.098  0.470   -0.294  1.00 60.17 ? 9  VAL A CG1 1 
ATOM   30  C CG2 . VAL A 1 4  ? -4.736  -0.340  1.404   1.00 61.38 ? 9  VAL A CG2 1 
ATOM   31  N N   . GLN A 1 5  ? -3.913  3.957   1.260   1.00 62.99 ? 10 GLN A N   1 
ATOM   32  C CA  . GLN A 1 5  ? -3.642  5.296   0.753   1.00 62.50 ? 10 GLN A CA  1 
ATOM   33  C C   . GLN A 1 5  ? -2.314  5.736   1.344   1.00 62.28 ? 10 GLN A C   1 
ATOM   34  O O   . GLN A 1 5  ? -1.344  5.967   0.614   1.00 63.59 ? 10 GLN A O   1 
ATOM   35  C CB  . GLN A 1 5  ? -4.752  6.265   1.163   1.00 62.20 ? 10 GLN A CB  1 
ATOM   36  C CG  . GLN A 1 5  ? -6.076  6.012   0.461   1.00 62.68 ? 10 GLN A CG  1 
ATOM   37  C CD  . GLN A 1 5  ? -7.213  6.810   1.066   1.00 64.10 ? 10 GLN A CD  1 
ATOM   38  O OE1 . GLN A 1 5  ? -7.477  6.714   2.264   1.00 65.48 ? 10 GLN A OE1 1 
ATOM   39  N NE2 . GLN A 1 5  ? -7.897  7.599   0.241   1.00 63.80 ? 10 GLN A NE2 1 
ATOM   40  N N   . ASP A 1 6  ? -2.265  5.819   2.671   1.00 60.70 ? 11 ASP A N   1 
ATOM   41  C CA  . ASP A 1 6  ? -1.043  6.219   3.355   1.00 58.95 ? 11 ASP A CA  1 
ATOM   42  C C   . ASP A 1 6  ? 0.188   5.570   2.742   1.00 56.67 ? 11 ASP A C   1 
ATOM   43  O O   . ASP A 1 6  ? 1.202   6.229   2.528   1.00 55.93 ? 11 ASP A O   1 
ATOM   44  C CB  . ASP A 1 6  ? -1.116  5.857   4.837   1.00 59.81 ? 11 ASP A CB  1 
ATOM   45  C CG  . ASP A 1 6  ? -1.796  6.926   5.654   1.00 61.22 ? 11 ASP A CG  1 
ATOM   46  O OD1 . ASP A 1 6  ? -2.998  7.178   5.420   1.00 61.67 ? 11 ASP A OD1 1 
ATOM   47  O OD2 . ASP A 1 6  ? -1.122  7.519   6.526   1.00 61.28 ? 11 ASP A OD2 1 
ATOM   48  N N   . LEU A 1 7  ? 0.093   4.279   2.451   1.00 54.49 ? 12 LEU A N   1 
ATOM   49  C CA  . LEU A 1 7  ? 1.215   3.561   1.877   1.00 52.79 ? 12 LEU A CA  1 
ATOM   50  C C   . LEU A 1 7  ? 1.619   4.122   0.533   1.00 52.19 ? 12 LEU A C   1 
ATOM   51  O O   . LEU A 1 7  ? 2.805   4.196   0.216   1.00 52.80 ? 12 LEU A O   1 
ATOM   52  C CB  . LEU A 1 7  ? 0.887   2.082   1.705   1.00 51.50 ? 12 LEU A CB  1 
ATOM   53  C CG  . LEU A 1 7  ? 2.008   1.290   1.034   1.00 51.07 ? 12 LEU A CG  1 
ATOM   54  C CD1 . LEU A 1 7  ? 3.225   1.253   1.945   1.00 48.73 ? 12 LEU A CD1 1 
ATOM   55  C CD2 . LEU A 1 7  ? 1.523   -0.110  0.725   1.00 51.17 ? 12 LEU A CD2 1 
ATOM   56  N N   . THR A 1 8  ? 0.634   4.525   -0.257  1.00 51.28 ? 13 THR A N   1 
ATOM   57  C CA  . THR A 1 8  ? 0.929   5.040   -1.579  1.00 50.90 ? 13 THR A CA  1 
ATOM   58  C C   . THR A 1 8  ? 1.220   6.530   -1.673  1.00 49.74 ? 13 THR A C   1 
ATOM   59  O O   . THR A 1 8  ? 1.526   7.030   -2.752  1.00 50.33 ? 13 THR A O   1 
ATOM   60  C CB  . THR A 1 8  ? -0.180  4.662   -2.547  1.00 51.78 ? 13 THR A CB  1 
ATOM   61  O OG1 . THR A 1 8  ? -1.412  5.254   -2.123  1.00 53.11 ? 13 THR A OG1 1 
ATOM   62  C CG2 . THR A 1 8  ? -0.319  3.149   -2.576  1.00 50.65 ? 13 THR A CG2 1 
ATOM   63  N N   . SER A 1 9  ? 1.124   7.228   -0.547  1.00 48.49 ? 14 SER A N   1 
ATOM   64  C CA  . SER A 1 9  ? 1.600   8.603   -0.455  1.00 47.11 ? 14 SER A CA  1 
ATOM   65  C C   . SER A 1 9  ? 3.020   8.660   0.097   1.00 46.49 ? 14 SER A C   1 
ATOM   66  O O   . SER A 1 9  ? 3.703   9.677   -0.024  1.00 46.08 ? 14 SER A O   1 
ATOM   67  C CB  . SER A 1 9  ? 0.662   9.437   0.420   1.00 46.54 ? 14 SER A CB  1 
ATOM   68  O OG  . SER A 1 9  ? -0.688  9.271   0.023   1.00 47.96 ? 14 SER A OG  1 
ATOM   69  N N   . VAL A 1 10 ? 3.458   7.561   0.703   1.00 44.99 ? 15 VAL A N   1 
ATOM   70  C CA  . VAL A 1 10 ? 4.868   7.375   1.026   1.00 43.64 ? 15 VAL A CA  1 
ATOM   71  C C   . VAL A 1 10 ? 5.673   7.000   -0.213  1.00 43.23 ? 15 VAL A C   1 
ATOM   72  O O   . VAL A 1 10 ? 6.811   7.436   -0.382  1.00 42.50 ? 15 VAL A O   1 
ATOM   73  C CB  . VAL A 1 10 ? 5.062   6.289   2.100   1.00 43.35 ? 15 VAL A CB  1 
ATOM   74  C CG1 . VAL A 1 10 ? 6.529   5.902   2.204   1.00 42.98 ? 15 VAL A CG1 1 
ATOM   75  C CG2 . VAL A 1 10 ? 4.535   6.773   3.443   1.00 41.76 ? 15 VAL A CG2 1 
ATOM   76  N N   . VAL A 1 11 ? 5.074   6.187   -1.078  1.00 42.58 ? 16 VAL A N   1 
ATOM   77  C CA  . VAL A 1 11 ? 5.777   5.645   -2.232  1.00 41.96 ? 16 VAL A CA  1 
ATOM   78  C C   . VAL A 1 11 ? 5.830   6.721   -3.296  1.00 43.33 ? 16 VAL A C   1 
ATOM   79  O O   . VAL A 1 11 ? 6.713   6.727   -4.153  1.00 43.92 ? 16 VAL A O   1 
ATOM   80  C CB  . VAL A 1 11 ? 5.051   4.416   -2.802  1.00 39.98 ? 16 VAL A CB  1 
ATOM   81  C CG1 . VAL A 1 11 ? 5.785   3.901   -4.030  1.00 38.55 ? 16 VAL A CG1 1 
ATOM   82  C CG2 . VAL A 1 11 ? 4.965   3.332   -1.743  1.00 38.53 ? 16 VAL A CG2 1 
ATOM   83  N N   . GLN A 1 12 ? 4.870   7.636   -3.223  1.00 44.20 ? 17 GLN A N   1 
ATOM   84  C CA  . GLN A 1 12 ? 4.770   8.735   -4.172  1.00 45.30 ? 17 GLN A CA  1 
ATOM   85  C C   . GLN A 1 12 ? 5.737   9.854   -3.790  1.00 44.45 ? 17 GLN A C   1 
ATOM   86  O O   . GLN A 1 12 ? 6.281   10.546  -4.649  1.00 45.00 ? 17 GLN A O   1 
ATOM   87  C CB  . GLN A 1 12 ? 3.334   9.253   -4.189  1.00 46.49 ? 17 GLN A CB  1 
ATOM   88  C CG  . GLN A 1 12 ? 3.072   10.305  -5.236  1.00 50.82 ? 17 GLN A CG  1 
ATOM   89  C CD  . GLN A 1 12 ? 1.593   10.585  -5.396  1.00 53.57 ? 17 GLN A CD  1 
ATOM   90  O OE1 . GLN A 1 12 ? 0.895   10.864  -4.416  1.00 56.33 ? 17 GLN A OE1 1 
ATOM   91  N NE2 . GLN A 1 12 ? 1.103   10.514  -6.631  1.00 53.12 ? 17 GLN A NE2 1 
ATOM   92  N N   . THR A 1 13 ? 5.935   10.026  -2.490  1.00 42.99 ? 18 THR A N   1 
ATOM   93  C CA  . THR A 1 13 ? 6.844   11.029  -1.972  1.00 40.92 ? 18 THR A CA  1 
ATOM   94  C C   . THR A 1 13 ? 8.249   10.565  -2.303  1.00 40.71 ? 18 THR A C   1 
ATOM   95  O O   . THR A 1 13 ? 9.074   11.334  -2.794  1.00 40.86 ? 18 THR A O   1 
ATOM   96  C CB  . THR A 1 13 ? 6.693   11.163  -0.441  1.00 40.56 ? 18 THR A CB  1 
ATOM   97  O OG1 . THR A 1 13 ? 5.517   11.921  -0.152  1.00 39.97 ? 18 THR A OG1 1 
ATOM   98  C CG2 . THR A 1 13 ? 7.905   11.847  0.180   1.00 40.33 ? 18 THR A CG2 1 
ATOM   99  N N   . LEU A 1 14 ? 8.506   9.291   -2.036  1.00 39.47 ? 19 LEU A N   1 
ATOM   100 C CA  . LEU A 1 14 ? 9.811   8.711   -2.298  1.00 39.74 ? 19 LEU A CA  1 
ATOM   101 C C   . LEU A 1 14 ? 10.220  8.936   -3.737  1.00 39.72 ? 19 LEU A C   1 
ATOM   102 O O   . LEU A 1 14 ? 11.298  9.462   -4.001  1.00 41.33 ? 19 LEU A O   1 
ATOM   103 C CB  . LEU A 1 14 ? 9.809   7.209   -1.990  1.00 40.65 ? 19 LEU A CB  1 
ATOM   104 C CG  . LEU A 1 14 ? 9.669   6.855   -0.504  1.00 43.88 ? 19 LEU A CG  1 
ATOM   105 C CD1 . LEU A 1 14 ? 9.649   5.341   -0.307  1.00 42.54 ? 19 LEU A CD1 1 
ATOM   106 C CD2 . LEU A 1 14 ? 10.828  7.489   0.272   1.00 44.00 ? 19 LEU A CD2 1 
ATOM   107 N N   . LEU A 1 15 ? 9.355   8.544   -4.666  1.00 39.42 ? 20 LEU A N   1 
ATOM   108 C CA  . LEU A 1 15 ? 9.645   8.689   -6.084  1.00 39.54 ? 20 LEU A CA  1 
ATOM   109 C C   . LEU A 1 15 ? 9.794   10.149  -6.503  1.00 39.18 ? 20 LEU A C   1 
ATOM   110 O O   . LEU A 1 15 ? 10.622  10.467  -7.355  1.00 38.41 ? 20 LEU A O   1 
ATOM   111 C CB  . LEU A 1 15 ? 8.569   7.973   -6.907  1.00 40.33 ? 20 LEU A CB  1 
ATOM   112 C CG  . LEU A 1 15 ? 8.747   6.451   -7.112  1.00 42.07 ? 20 LEU A CG  1 
ATOM   113 C CD1 . LEU A 1 15 ? 9.732   6.188   -8.233  1.00 43.16 ? 20 LEU A CD1 1 
ATOM   114 C CD2 . LEU A 1 15 ? 9.235   5.785   -5.841  1.00 42.89 ? 20 LEU A CD2 1 
ATOM   115 N N   . GLN A 1 16 ? 9.003   11.033  -5.899  1.00 39.62 ? 21 GLN A N   1 
ATOM   116 C CA  . GLN A 1 16 ? 9.081   12.463  -6.192  1.00 39.11 ? 21 GLN A CA  1 
ATOM   117 C C   . GLN A 1 16 ? 10.471  12.964  -5.817  1.00 38.95 ? 21 GLN A C   1 
ATOM   118 O O   . GLN A 1 16 ? 11.208  13.472  -6.662  1.00 38.76 ? 21 GLN A O   1 
ATOM   119 C CB  . GLN A 1 16 ? 8.030   13.240  -5.380  1.00 40.86 ? 21 GLN A CB  1 
ATOM   120 C CG  . GLN A 1 16 ? 8.380   14.725  -5.119  1.00 43.00 ? 21 GLN A CG  1 
ATOM   121 C CD  . GLN A 1 16 ? 8.596   15.074  -3.628  1.00 44.35 ? 21 GLN A CD  1 
ATOM   122 O OE1 . GLN A 1 16 ? 9.120   16.142  -3.299  1.00 43.35 ? 21 GLN A OE1 1 
ATOM   123 N NE2 . GLN A 1 16 ? 8.179   14.180  -2.737  1.00 44.52 ? 21 GLN A NE2 1 
ATOM   124 N N   . GLN A 1 17 ? 10.819  12.809  -4.540  1.00 38.40 ? 22 GLN A N   1 
ATOM   125 C CA  . GLN A 1 17 ? 12.107  13.260  -4.029  1.00 37.02 ? 22 GLN A CA  1 
ATOM   126 C C   . GLN A 1 17 ? 13.258  12.672  -4.815  1.00 36.77 ? 22 GLN A C   1 
ATOM   127 O O   . GLN A 1 17 ? 14.347  13.224  -4.824  1.00 36.97 ? 22 GLN A O   1 
ATOM   128 C CB  . GLN A 1 17 ? 12.251  12.879  -2.564  1.00 36.69 ? 22 GLN A CB  1 
ATOM   129 C CG  . GLN A 1 17 ? 11.106  13.343  -1.695  1.00 37.21 ? 22 GLN A CG  1 
ATOM   130 C CD  . GLN A 1 17 ? 11.424  13.196  -0.224  1.00 39.24 ? 22 GLN A CD  1 
ATOM   131 O OE1 . GLN A 1 17 ? 11.892  12.143  0.214   1.00 38.95 ? 22 GLN A OE1 1 
ATOM   132 N NE2 . GLN A 1 17 ? 11.174  14.251  0.552   1.00 39.85 ? 22 GLN A NE2 1 
ATOM   133 N N   . MET A 1 18 ? 13.007  11.547  -5.476  1.00 38.34 ? 23 MET A N   1 
ATOM   134 C CA  . MET A 1 18 ? 14.029  10.878  -6.271  1.00 38.71 ? 23 MET A CA  1 
ATOM   135 C C   . MET A 1 18 ? 14.099  11.457  -7.680  1.00 36.89 ? 23 MET A C   1 
ATOM   136 O O   . MET A 1 18 ? 15.144  11.410  -8.329  1.00 34.96 ? 23 MET A O   1 
ATOM   137 C CB  . MET A 1 18 ? 13.761  9.373   -6.333  1.00 41.31 ? 23 MET A CB  1 
ATOM   138 C CG  . MET A 1 18 ? 14.724  8.536   -5.509  1.00 43.69 ? 23 MET A CG  1 
ATOM   139 S SD  . MET A 1 18 ? 15.996  7.748   -6.514  1.00 49.92 ? 23 MET A SD  1 
ATOM   140 C CE  . MET A 1 18 ? 17.479  8.451   -5.797  1.00 47.99 ? 23 MET A CE  1 
ATOM   141 N N   . GLN A 1 19 ? 12.980  12.003  -8.148  1.00 37.71 ? 24 GLN A N   1 
ATOM   142 C CA  . GLN A 1 19 ? 12.948  12.691  -9.432  1.00 38.92 ? 24 GLN A CA  1 
ATOM   143 C C   . GLN A 1 19 ? 13.552  14.079  -9.203  1.00 37.77 ? 24 GLN A C   1 
ATOM   144 O O   . GLN A 1 19 ? 14.284  14.598  -10.049 1.00 38.21 ? 24 GLN A O   1 
ATOM   145 C CB  . GLN A 1 19 ? 11.503  12.815  -9.904  1.00 40.45 ? 24 GLN A CB  1 
ATOM   146 C CG  . GLN A 1 19 ? 11.319  12.991  -11.390 1.00 43.84 ? 24 GLN A CG  1 
ATOM   147 C CD  . GLN A 1 19 ? 9.857   13.173  -11.752 1.00 47.40 ? 24 GLN A CD  1 
ATOM   148 O OE1 . GLN A 1 19 ? 9.322   14.289  -11.693 1.00 48.92 ? 24 GLN A OE1 1 
ATOM   149 N NE2 . GLN A 1 19 ? 9.193   12.071  -12.110 1.00 46.97 ? 24 GLN A NE2 1 
ATOM   150 N N   . ASP A 1 20 ? 13.233  14.662  -8.045  1.00 36.15 ? 25 ASP A N   1 
ATOM   151 C CA  . ASP A 1 20 ? 13.742  15.976  -7.655  1.00 35.12 ? 25 ASP A CA  1 
ATOM   152 C C   . ASP A 1 20 ? 15.272  15.959  -7.640  1.00 33.06 ? 25 ASP A C   1 
ATOM   153 O O   . ASP A 1 20 ? 15.921  16.881  -8.135  1.00 32.56 ? 25 ASP A O   1 
ATOM   154 C CB  . ASP A 1 20 ? 13.223  16.358  -6.259  1.00 36.15 ? 25 ASP A CB  1 
ATOM   155 C CG  . ASP A 1 20 ? 11.748  16.773  -6.256  1.00 38.18 ? 25 ASP A CG  1 
ATOM   156 O OD1 . ASP A 1 20 ? 11.083  16.686  -7.311  1.00 36.08 ? 25 ASP A OD1 1 
ATOM   157 O OD2 . ASP A 1 20 ? 11.255  17.188  -5.181  1.00 39.76 ? 25 ASP A OD2 1 
ATOM   158 N N   . LYS A 1 21 ? 15.836  14.902  -7.065  1.00 31.01 ? 26 LYS A N   1 
ATOM   159 C CA  . LYS A 1 21 ? 17.276  14.733  -6.975  1.00 31.08 ? 26 LYS A CA  1 
ATOM   160 C C   . LYS A 1 21 ? 17.955  14.656  -8.338  1.00 33.30 ? 26 LYS A C   1 
ATOM   161 O O   . LYS A 1 21 ? 19.043  15.205  -8.518  1.00 33.96 ? 26 LYS A O   1 
ATOM   162 C CB  . LYS A 1 21 ? 17.597  13.468  -6.184  1.00 30.59 ? 26 LYS A CB  1 
ATOM   163 C CG  . LYS A 1 21 ? 18.993  12.903  -6.427  1.00 30.89 ? 26 LYS A CG  1 
ATOM   164 C CD  . LYS A 1 21 ? 19.876  13.059  -5.212  1.00 32.22 ? 26 LYS A CD  1 
ATOM   165 C CE  . LYS A 1 21 ? 21.234  12.462  -5.467  1.00 31.13 ? 26 LYS A CE  1 
ATOM   166 N NZ  . LYS A 1 21 ? 22.092  12.601  -4.274  1.00 33.35 ? 26 LYS A NZ  1 
ATOM   167 N N   . PHE A 1 22 ? 17.327  13.977  -9.294  1.00 33.18 ? 27 PHE A N   1 
ATOM   168 C CA  . PHE A 1 22 ? 17.913  13.827  -10.622 1.00 34.37 ? 27 PHE A CA  1 
ATOM   169 C C   . PHE A 1 22 ? 17.684  15.020  -11.558 1.00 33.05 ? 27 PHE A C   1 
ATOM   170 O O   . PHE A 1 22 ? 18.534  15.333  -12.387 1.00 31.19 ? 27 PHE A O   1 
ATOM   171 C CB  . PHE A 1 22 ? 17.419  12.519  -11.242 1.00 38.37 ? 27 PHE A CB  1 
ATOM   172 C CG  . PHE A 1 22 ? 17.772  11.303  -10.421 1.00 43.23 ? 27 PHE A CG  1 
ATOM   173 C CD1 . PHE A 1 22 ? 16.864  10.264  -10.258 1.00 44.51 ? 27 PHE A CD1 1 
ATOM   174 C CD2 . PHE A 1 22 ? 19.009  11.216  -9.778  1.00 44.47 ? 27 PHE A CD2 1 
ATOM   175 C CE1 . PHE A 1 22 ? 17.177  9.157   -9.463  1.00 45.13 ? 27 PHE A CE1 1 
ATOM   176 C CE2 . PHE A 1 22 ? 19.328  10.112  -8.983  1.00 44.23 ? 27 PHE A CE2 1 
ATOM   177 C CZ  . PHE A 1 22 ? 18.411  9.083   -8.827  1.00 43.75 ? 27 PHE A CZ  1 
ATOM   178 N N   . GLN A 1 23 ? 16.547  15.697  -11.432 1.00 33.04 ? 28 GLN A N   1 
ATOM   179 C CA  . GLN A 1 23 ? 16.321  16.868  -12.274 1.00 33.90 ? 28 GLN A CA  1 
ATOM   180 C C   . GLN A 1 23 ? 17.274  17.969  -11.790 1.00 32.21 ? 28 GLN A C   1 
ATOM   181 O O   . GLN A 1 23 ? 17.701  18.832  -12.555 1.00 30.47 ? 28 GLN A O   1 
ATOM   182 C CB  . GLN A 1 23 ? 14.870  17.355  -12.177 1.00 34.42 ? 28 GLN A CB  1 
ATOM   183 C CG  . GLN A 1 23 ? 14.585  18.590  -13.053 1.00 38.65 ? 28 GLN A CG  1 
ATOM   184 C CD  . GLN A 1 23 ? 14.869  18.371  -14.550 1.00 39.74 ? 28 GLN A CD  1 
ATOM   185 O OE1 . GLN A 1 23 ? 14.247  17.520  -15.198 1.00 41.14 ? 28 GLN A OE1 1 
ATOM   186 N NE2 . GLN A 1 23 ? 15.808  19.145  -15.099 1.00 38.31 ? 28 GLN A NE2 1 
ATOM   187 N N   . THR A 1 24 ? 17.596  17.921  -10.503 1.00 31.53 ? 29 THR A N   1 
ATOM   188 C CA  . THR A 1 24 ? 18.511  18.875  -9.893  1.00 31.56 ? 29 THR A CA  1 
ATOM   189 C C   . THR A 1 24 ? 19.895  18.686  -10.517 1.00 29.75 ? 29 THR A C   1 
ATOM   190 O O   . THR A 1 24 ? 20.547  19.650  -10.917 1.00 28.29 ? 29 THR A O   1 
ATOM   191 C CB  . THR A 1 24 ? 18.593  18.641  -8.366  1.00 34.26 ? 29 THR A CB  1 
ATOM   192 O OG1 . THR A 1 24 ? 17.297  18.867  -7.790  1.00 36.82 ? 29 THR A OG1 1 
ATOM   193 C CG2 . THR A 1 24 ? 19.644  19.566  -7.712  1.00 32.18 ? 29 THR A CG2 1 
ATOM   194 N N   . ILE A 1 25 ? 20.338  17.436  -10.598 1.00 27.31 ? 30 ILE A N   1 
ATOM   195 C CA  . ILE A 1 25 ? 21.626  17.151  -11.203 1.00 26.64 ? 30 ILE A CA  1 
ATOM   196 C C   . ILE A 1 25 ? 21.607  17.550  -12.684 1.00 25.43 ? 30 ILE A C   1 
ATOM   197 O O   . ILE A 1 25 ? 22.605  18.040  -13.205 1.00 26.13 ? 30 ILE A O   1 
ATOM   198 C CB  . ILE A 1 25 ? 21.982  15.654  -11.089 1.00 27.77 ? 30 ILE A CB  1 
ATOM   199 C CG1 . ILE A 1 25 ? 22.088  15.243  -9.622  1.00 28.43 ? 30 ILE A CG1 1 
ATOM   200 C CG2 . ILE A 1 25 ? 23.304  15.380  -11.782 1.00 28.75 ? 30 ILE A CG2 1 
ATOM   201 C CD1 . ILE A 1 25 ? 22.433  13.779  -9.444  1.00 28.75 ? 30 ILE A CD1 1 
ATOM   202 N N   . SER A 1 26 ? 20.480  17.338  -13.366 1.00 24.80 ? 31 SER A N   1 
ATOM   203 C CA  . SER A 1 26 ? 20.371  17.698  -14.781 1.00 24.25 ? 31 SER A CA  1 
ATOM   204 C C   . SER A 1 26 ? 20.428  19.203  -14.952 1.00 23.62 ? 31 SER A C   1 
ATOM   205 O O   . SER A 1 26 ? 20.975  19.713  -15.926 1.00 22.53 ? 31 SER A O   1 
ATOM   206 C CB  . SER A 1 26 ? 19.063  17.191  -15.379 1.00 26.34 ? 31 SER A CB  1 
ATOM   207 O OG  . SER A 1 26 ? 19.076  15.784  -15.505 1.00 30.33 ? 31 SER A OG  1 
ATOM   208 N N   . ASP A 1 27 ? 19.841  19.910  -13.997 1.00 24.55 ? 32 ASP A N   1 
ATOM   209 C CA  . ASP A 1 27 ? 19.824  21.361  -14.028 1.00 25.82 ? 32 ASP A CA  1 
ATOM   210 C C   . ASP A 1 27 ? 21.235  21.937  -13.903 1.00 25.15 ? 32 ASP A C   1 
ATOM   211 O O   . ASP A 1 27 ? 21.588  22.883  -14.609 1.00 25.02 ? 32 ASP A O   1 
ATOM   212 C CB  . ASP A 1 27 ? 18.933  21.894  -12.901 1.00 28.63 ? 32 ASP A CB  1 
ATOM   213 C CG  . ASP A 1 27 ? 17.451  21.680  -13.177 1.00 30.91 ? 32 ASP A CG  1 
ATOM   214 O OD1 . ASP A 1 27 ? 16.632  22.069  -12.316 1.00 33.36 ? 32 ASP A OD1 1 
ATOM   215 O OD2 . ASP A 1 27 ? 17.111  21.128  -14.252 1.00 30.59 ? 32 ASP A OD2 1 
ATOM   216 N N   . GLN A 1 28 ? 22.038  21.363  -13.007 1.00 24.61 ? 33 GLN A N   1 
ATOM   217 C CA  . GLN A 1 28 ? 23.412  21.829  -12.806 1.00 23.91 ? 33 GLN A CA  1 
ATOM   218 C C   . GLN A 1 28 ? 24.220  21.566  -14.071 1.00 24.10 ? 33 GLN A C   1 
ATOM   219 O O   . GLN A 1 28 ? 25.115  22.335  -14.416 1.00 23.33 ? 33 GLN A O   1 
ATOM   220 C CB  . GLN A 1 28 ? 24.066  21.097  -11.629 1.00 25.81 ? 33 GLN A CB  1 
ATOM   221 C CG  . GLN A 1 28 ? 23.207  21.019  -10.358 1.00 25.64 ? 33 GLN A CG  1 
ATOM   222 C CD  . GLN A 1 28 ? 23.886  20.259  -9.218  1.00 24.74 ? 33 GLN A CD  1 
ATOM   223 O OE1 . GLN A 1 28 ? 24.623  19.293  -9.442  1.00 23.12 ? 33 GLN A OE1 1 
ATOM   224 N NE2 . GLN A 1 28 ? 23.619  20.681  -7.991  1.00 25.84 ? 33 GLN A NE2 1 
ATOM   225 N N   . ILE A 1 29 ? 23.895  20.466  -14.753 1.00 24.38 ? 34 ILE A N   1 
ATOM   226 C CA  . ILE A 1 29 ? 24.572  20.087  -15.995 1.00 23.82 ? 34 ILE A CA  1 
ATOM   227 C C   . ILE A 1 29 ? 24.187  21.099  -17.063 1.00 23.20 ? 34 ILE A C   1 
ATOM   228 O O   . ILE A 1 29 ? 25.041  21.607  -17.793 1.00 22.23 ? 34 ILE A O   1 
ATOM   229 C CB  . ILE A 1 29 ? 24.164  18.646  -16.461 1.00 24.21 ? 34 ILE A CB  1 
ATOM   230 C CG1 . ILE A 1 29 ? 24.764  17.598  -15.512 1.00 23.60 ? 34 ILE A CG1 1 
ATOM   231 C CG2 . ILE A 1 29 ? 24.649  18.384  -17.882 1.00 21.27 ? 34 ILE A CG2 1 
ATOM   232 C CD1 . ILE A 1 29 ? 24.558  16.160  -15.973 1.00 21.24 ? 34 ILE A CD1 1 
ATOM   233 N N   . ILE A 1 30 ? 22.894  21.400  -17.134 1.00 24.17 ? 35 ILE A N   1 
ATOM   234 C CA  . ILE A 1 30 ? 22.386  22.368  -18.102 1.00 24.06 ? 35 ILE A CA  1 
ATOM   235 C C   . ILE A 1 30 ? 23.019  23.722  -17.830 1.00 23.02 ? 35 ILE A C   1 
ATOM   236 O O   . ILE A 1 30 ? 23.298  24.484  -18.752 1.00 23.30 ? 35 ILE A O   1 
ATOM   237 C CB  . ILE A 1 30 ? 20.852  22.476  -18.019 1.00 24.94 ? 35 ILE A CB  1 
ATOM   238 C CG1 . ILE A 1 30 ? 20.227  21.131  -18.433 1.00 24.77 ? 35 ILE A CG1 1 
ATOM   239 C CG2 . ILE A 1 30 ? 20.360  23.614  -18.909 1.00 23.71 ? 35 ILE A CG2 1 
ATOM   240 C CD1 . ILE A 1 30 ? 18.761  20.952  -18.069 1.00 25.91 ? 35 ILE A CD1 1 
ATOM   241 N N   . GLY A 1 31 ? 23.251  24.012  -16.552 1.00 24.02 ? 36 GLY A N   1 
ATOM   242 C CA  . GLY A 1 31 ? 23.875  25.265  -16.194 1.00 21.25 ? 36 GLY A CA  1 
ATOM   243 C C   . GLY A 1 31 ? 25.256  25.331  -16.800 1.00 23.09 ? 36 GLY A C   1 
ATOM   244 O O   . GLY A 1 31 ? 25.632  26.344  -17.386 1.00 23.49 ? 36 GLY A O   1 
ATOM   245 N N   . ARG A 1 32 ? 26.007  24.240  -16.670 1.00 24.78 ? 37 ARG A N   1 
ATOM   246 C CA  . ARG A 1 32 ? 27.365  24.161  -17.212 1.00 27.55 ? 37 ARG A CA  1 
ATOM   247 C C   . ARG A 1 32 ? 27.392  24.319  -18.728 1.00 26.61 ? 37 ARG A C   1 
ATOM   248 O O   . ARG A 1 32 ? 28.288  24.960  -19.279 1.00 25.64 ? 37 ARG A O   1 
ATOM   249 C CB  . ARG A 1 32 ? 28.025  22.824  -16.833 1.00 33.95 ? 37 ARG A CB  1 
ATOM   250 C CG  . ARG A 1 32 ? 28.318  22.651  -15.336 1.00 38.38 ? 37 ARG A CG  1 
ATOM   251 C CD  . ARG A 1 32 ? 28.996  21.310  -15.013 1.00 42.81 ? 37 ARG A CD  1 
ATOM   252 N NE  . ARG A 1 32 ? 30.324  21.152  -15.612 1.00 47.70 ? 37 ARG A NE  1 
ATOM   253 C CZ  . ARG A 1 32 ? 31.358  21.969  -15.402 1.00 51.39 ? 37 ARG A CZ  1 
ATOM   254 N NH1 . ARG A 1 32 ? 31.233  23.026  -14.608 1.00 53.33 ? 37 ARG A NH1 1 
ATOM   255 N NH2 . ARG A 1 32 ? 32.529  21.722  -15.982 1.00 51.10 ? 37 ARG A NH2 1 
ATOM   256 N N   . ILE A 1 33 ? 26.414  23.727  -19.402 1.00 26.45 ? 38 ILE A N   1 
ATOM   257 C CA  . ILE A 1 33 ? 26.343  23.825  -20.851 1.00 27.85 ? 38 ILE A CA  1 
ATOM   258 C C   . ILE A 1 33 ? 26.076  25.270  -21.258 1.00 29.06 ? 38 ILE A C   1 
ATOM   259 O O   . ILE A 1 33 ? 26.621  25.756  -22.248 1.00 29.01 ? 38 ILE A O   1 
ATOM   260 C CB  . ILE A 1 33 ? 25.230  22.914  -21.423 1.00 27.34 ? 38 ILE A CB  1 
ATOM   261 C CG1 . ILE A 1 33 ? 25.553  21.447  -21.106 1.00 25.64 ? 38 ILE A CG1 1 
ATOM   262 C CG2 . ILE A 1 33 ? 25.110  23.129  -22.922 1.00 27.19 ? 38 ILE A CG2 1 
ATOM   263 C CD1 . ILE A 1 33 ? 24.540  20.461  -21.627 1.00 23.80 ? 38 ILE A CD1 1 
ATOM   264 N N   . ASP A 1 34 ? 25.247  25.964  -20.480 1.00 31.23 ? 39 ASP A N   1 
ATOM   265 C CA  . ASP A 1 34 ? 24.928  27.352  -20.781 1.00 32.39 ? 39 ASP A CA  1 
ATOM   266 C C   . ASP A 1 34 ? 26.158  28.260  -20.747 1.00 34.63 ? 39 ASP A C   1 
ATOM   267 O O   . ASP A 1 34 ? 26.318  29.125  -21.611 1.00 33.17 ? 39 ASP A O   1 
ATOM   268 C CB  . ASP A 1 34 ? 23.870  27.871  -19.816 1.00 34.66 ? 39 ASP A CB  1 
ATOM   269 C CG  . ASP A 1 34 ? 22.488  27.368  -20.154 1.00 37.26 ? 39 ASP A CG  1 
ATOM   270 O OD1 . ASP A 1 34 ? 22.125  27.414  -21.347 1.00 37.79 ? 39 ASP A OD1 1 
ATOM   271 O OD2 . ASP A 1 34 ? 21.759  26.936  -19.236 1.00 39.95 ? 39 ASP A OD2 1 
ATOM   272 N N   . ASP A 1 35 ? 27.027  28.068  -19.753 1.00 36.10 ? 40 ASP A N   1 
ATOM   273 C CA  . ASP A 1 35 ? 28.233  28.885  -19.655 1.00 38.17 ? 40 ASP A CA  1 
ATOM   274 C C   . ASP A 1 35 ? 29.137  28.592  -20.846 1.00 38.79 ? 40 ASP A C   1 
ATOM   275 O O   . ASP A 1 35 ? 29.704  29.506  -21.440 1.00 37.64 ? 40 ASP A O   1 
ATOM   276 C CB  . ASP A 1 35 ? 28.994  28.602  -18.356 1.00 40.07 ? 40 ASP A CB  1 
ATOM   277 C CG  . ASP A 1 35 ? 28.157  28.864  -17.114 1.00 42.73 ? 40 ASP A CG  1 
ATOM   278 O OD1 . ASP A 1 35 ? 27.303  29.785  -17.126 1.00 43.20 ? 40 ASP A OD1 1 
ATOM   279 O OD2 . ASP A 1 35 ? 28.369  28.152  -16.112 1.00 44.87 ? 40 ASP A OD2 1 
ATOM   280 N N   . MET A 1 36 ? 29.265  27.310  -21.187 1.00 38.92 ? 41 MET A N   1 
ATOM   281 C CA  . MET A 1 36 ? 30.083  26.894  -22.319 1.00 38.28 ? 41 MET A CA  1 
ATOM   282 C C   . MET A 1 36 ? 29.556  27.462  -23.621 1.00 37.43 ? 41 MET A C   1 
ATOM   283 O O   . MET A 1 36 ? 30.321  27.724  -24.536 1.00 37.85 ? 41 MET A O   1 
ATOM   284 C CB  . MET A 1 36 ? 30.116  25.374  -22.425 1.00 38.43 ? 41 MET A CB  1 
ATOM   285 C CG  . MET A 1 36 ? 31.278  24.731  -21.701 1.00 41.79 ? 41 MET A CG  1 
ATOM   286 S SD  . MET A 1 36 ? 31.386  22.984  -22.074 1.00 44.09 ? 41 MET A SD  1 
ATOM   287 C CE  . MET A 1 36 ? 31.055  22.996  -23.856 1.00 40.31 ? 41 MET A CE  1 
ATOM   288 N N   . SER A 1 37 ? 28.243  27.641  -23.702 1.00 38.78 ? 42 SER A N   1 
ATOM   289 C CA  . SER A 1 37 ? 27.620  28.177  -24.910 1.00 40.05 ? 42 SER A CA  1 
ATOM   290 C C   . SER A 1 37 ? 27.870  29.676  -25.041 1.00 40.60 ? 42 SER A C   1 
ATOM   291 O O   . SER A 1 37 ? 27.814  30.219  -26.144 1.00 40.53 ? 42 SER A O   1 
ATOM   292 C CB  . SER A 1 37 ? 26.114  27.901  -24.901 1.00 39.68 ? 42 SER A CB  1 
ATOM   293 O OG  . SER A 1 37 ? 25.552  28.195  -26.166 1.00 41.55 ? 42 SER A OG  1 
ATOM   294 N N   . SER A 1 38 ? 28.146  30.334  -23.914 1.00 41.44 ? 43 SER A N   1 
ATOM   295 C CA  . SER A 1 38 ? 28.431  31.776  -23.888 1.00 42.28 ? 43 SER A CA  1 
ATOM   296 C C   . SER A 1 38 ? 29.880  31.998  -24.336 1.00 41.77 ? 43 SER A C   1 
ATOM   297 O O   . SER A 1 38 ? 30.168  32.911  -25.114 1.00 42.66 ? 43 SER A O   1 
ATOM   298 C CB  . SER A 1 38 ? 28.222  32.339  -22.476 1.00 42.37 ? 43 SER A CB  1 
ATOM   299 O OG  . SER A 1 38 ? 28.298  33.753  -22.471 1.00 46.16 ? 43 SER A OG  1 
ATOM   300 N N   . ARG A 1 39 ? 30.786  31.161  -23.834 1.00 40.23 ? 44 ARG A N   1 
ATOM   301 C CA  . ARG A 1 39 ? 32.191  31.228  -24.220 1.00 39.70 ? 44 ARG A CA  1 
ATOM   302 C C   . ARG A 1 39 ? 32.256  30.978  -25.735 1.00 39.20 ? 44 ARG A C   1 
ATOM   303 O O   . ARG A 1 39 ? 32.920  31.707  -26.466 1.00 38.03 ? 44 ARG A O   1 
ATOM   304 C CB  . ARG A 1 39 ? 33.004  30.160  -23.467 1.00 39.75 ? 44 ARG A CB  1 
ATOM   305 C CG  . ARG A 1 39 ? 33.326  30.502  -22.005 1.00 38.97 ? 44 ARG A CG  1 
ATOM   306 C CD  . ARG A 1 39 ? 33.736  29.274  -21.164 1.00 36.48 ? 44 ARG A CD  1 
ATOM   307 N NE  . ARG A 1 39 ? 34.827  28.488  -21.745 1.00 38.74 ? 44 ARG A NE  1 
ATOM   308 C CZ  . ARG A 1 39 ? 35.319  27.369  -21.209 1.00 39.47 ? 44 ARG A CZ  1 
ATOM   309 N NH1 . ARG A 1 39 ? 36.305  26.714  -21.807 1.00 40.12 ? 44 ARG A NH1 1 
ATOM   310 N NH2 . ARG A 1 39 ? 34.831  26.898  -20.068 1.00 39.59 ? 44 ARG A NH2 1 
ATOM   311 N N   . ILE A 1 40 ? 31.554  29.944  -26.202 1.00 40.66 ? 45 ILE A N   1 
ATOM   312 C CA  . ILE A 1 40 ? 31.527  29.625  -27.634 1.00 40.33 ? 45 ILE A CA  1 
ATOM   313 C C   . ILE A 1 40 ? 30.945  30.823  -28.364 1.00 41.01 ? 45 ILE A C   1 
ATOM   314 O O   . ILE A 1 40 ? 31.353  31.132  -29.478 1.00 41.68 ? 45 ILE A O   1 
ATOM   315 C CB  . ILE A 1 40 ? 30.629  28.400  -27.963 1.00 39.11 ? 45 ILE A CB  1 
ATOM   316 C CG1 . ILE A 1 40 ? 31.169  27.131  -27.290 1.00 38.50 ? 45 ILE A CG1 1 
ATOM   317 C CG2 . ILE A 1 40 ? 30.561  28.210  -29.471 1.00 36.34 ? 45 ILE A CG2 1 
ATOM   318 C CD1 . ILE A 1 40 ? 30.318  25.890  -27.542 1.00 37.56 ? 45 ILE A CD1 1 
ATOM   319 N N   . ASP A 1 41 ? 29.975  31.479  -27.731 1.00 41.15 ? 46 ASP A N   1 
ATOM   320 C CA  . ASP A 1 41 ? 29.341  32.649  -28.315 1.00 42.34 ? 46 ASP A CA  1 
ATOM   321 C C   . ASP A 1 41 ? 30.411  33.700  -28.513 1.00 45.01 ? 46 ASP A C   1 
ATOM   322 O O   . ASP A 1 41 ? 30.590  34.232  -29.610 1.00 44.79 ? 46 ASP A O   1 
ATOM   323 C CB  . ASP A 1 41 ? 28.271  33.212  -27.376 1.00 41.58 ? 46 ASP A CB  1 
ATOM   324 C CG  . ASP A 1 41 ? 26.921  32.542  -27.546 1.00 41.04 ? 46 ASP A CG  1 
ATOM   325 O OD1 . ASP A 1 41 ? 25.972  32.939  -26.838 1.00 41.60 ? 46 ASP A OD1 1 
ATOM   326 O OD2 . ASP A 1 41 ? 26.800  31.622  -28.380 1.00 41.08 ? 46 ASP A OD2 1 
ATOM   327 N N   . ASP A 1 42 ? 31.126  33.984  -27.432 1.00 47.56 ? 47 ASP A N   1 
ATOM   328 C CA  . ASP A 1 42 ? 32.182  34.980  -27.446 1.00 50.20 ? 47 ASP A CA  1 
ATOM   329 C C   . ASP A 1 42 ? 33.460  34.537  -28.169 1.00 51.28 ? 47 ASP A C   1 
ATOM   330 O O   . ASP A 1 42 ? 34.504  35.185  -28.041 1.00 52.85 ? 47 ASP A O   1 
ATOM   331 C CB  . ASP A 1 42 ? 32.508  35.405  -26.013 1.00 49.63 ? 47 ASP A CB  1 
ATOM   332 C CG  . ASP A 1 42 ? 31.273  35.827  -25.234 1.00 49.78 ? 47 ASP A CG  1 
ATOM   333 O OD1 . ASP A 1 42 ? 30.261  36.227  -25.863 1.00 49.32 ? 47 ASP A OD1 1 
ATOM   334 O OD2 . ASP A 1 42 ? 31.325  35.767  -23.985 1.00 49.13 ? 47 ASP A OD2 1 
ATOM   335 N N   . LEU A 1 43 ? 33.376  33.435  -28.917 1.00 51.94 ? 48 LEU A N   1 
ATOM   336 C CA  . LEU A 1 43 ? 34.508  32.925  -29.697 1.00 52.23 ? 48 LEU A CA  1 
ATOM   337 C C   . LEU A 1 43 ? 34.182  32.987  -31.183 1.00 53.10 ? 48 LEU A C   1 
ATOM   338 O O   . LEU A 1 43 ? 35.074  33.156  -32.016 1.00 53.59 ? 48 LEU A O   1 
ATOM   339 C CB  . LEU A 1 43 ? 34.844  31.476  -29.330 1.00 49.87 ? 48 LEU A CB  1 
ATOM   340 C CG  . LEU A 1 43 ? 35.796  31.252  -28.152 1.00 49.87 ? 48 LEU A CG  1 
ATOM   341 C CD1 . LEU A 1 43 ? 36.087  29.770  -28.034 1.00 48.43 ? 48 LEU A CD1 1 
ATOM   342 C CD2 . LEU A 1 43 ? 37.090  32.026  -28.356 1.00 48.05 ? 48 LEU A CD2 1 
ATOM   343 N N   . GLU A 1 44 ? 32.895  32.849  -31.500 1.00 54.09 ? 49 GLU A N   1 
ATOM   344 C CA  . GLU A 1 44 ? 32.415  32.881  -32.880 1.00 55.33 ? 49 GLU A CA  1 
ATOM   345 C C   . GLU A 1 44 ? 32.214  34.311  -33.378 1.00 56.10 ? 49 GLU A C   1 
ATOM   346 O O   . GLU A 1 44 ? 32.304  35.262  -32.565 1.00 55.55 ? 49 GLU A O   1 
ATOM   347 C CB  . GLU A 1 44 ? 31.084  32.130  -32.996 1.00 54.70 ? 49 GLU A CB  1 
ATOM   348 C CG  . GLU A 1 44 ? 31.131  30.680  -32.568 1.00 52.96 ? 49 GLU A CG  1 
ATOM   349 C CD  . GLU A 1 44 ? 29.760  30.149  -32.231 1.00 52.53 ? 49 GLU A CD  1 
ATOM   350 O OE1 . GLU A 1 44 ? 29.130  30.672  -31.290 1.00 51.30 ? 49 GLU A OE1 1 
ATOM   351 O OE2 . GLU A 1 44 ? 29.305  29.212  -32.908 1.00 52.10 ? 49 GLU A OE2 1 
ATOM   352 N N   . VAL B 1 4  ? 1.272   3.355   -9.625  1.00 56.57 ? 9  VAL B N   1 
ATOM   353 C CA  . VAL B 1 4  ? 1.205   4.385   -8.594  1.00 57.67 ? 9  VAL B CA  1 
ATOM   354 C C   . VAL B 1 4  ? -0.001  4.179   -7.684  1.00 58.03 ? 9  VAL B C   1 
ATOM   355 O O   . VAL B 1 4  ? 0.147   3.873   -6.501  1.00 57.25 ? 9  VAL B O   1 
ATOM   356 C CB  . VAL B 1 4  ? 1.137   5.794   -9.210  1.00 58.13 ? 9  VAL B CB  1 
ATOM   357 C CG1 . VAL B 1 4  ? 0.560   6.783   -8.207  1.00 58.36 ? 9  VAL B CG1 1 
ATOM   358 C CG2 . VAL B 1 4  ? 2.517   6.238   -9.672  1.00 57.82 ? 9  VAL B CG2 1 
ATOM   359 N N   . GLN B 1 5  ? -1.194  4.348   -8.245  1.00 58.01 ? 10 GLN B N   1 
ATOM   360 C CA  . GLN B 1 5  ? -2.414  3.860   -7.613  1.00 57.69 ? 10 GLN B CA  1 
ATOM   361 C C   . GLN B 1 5  ? -2.593  2.363   -7.843  1.00 57.41 ? 10 GLN B C   1 
ATOM   362 O O   . GLN B 1 5  ? -3.149  1.658   -7.002  1.00 57.57 ? 10 GLN B O   1 
ATOM   363 C CB  . GLN B 1 5  ? -3.631  4.622   -8.138  1.00 58.98 ? 10 GLN B CB  1 
ATOM   364 C CG  . GLN B 1 5  ? -4.265  4.005   -9.373  1.00 59.77 ? 10 GLN B CG  1 
ATOM   365 C CD  . GLN B 1 5  ? -5.221  4.952   -10.073 1.00 60.31 ? 10 GLN B CD  1 
ATOM   366 O OE1 . GLN B 1 5  ? -5.933  4.561   -10.999 1.00 60.66 ? 10 GLN B OE1 1 
ATOM   367 N NE2 . GLN B 1 5  ? -5.243  6.204   -9.632  1.00 61.17 ? 10 GLN B NE2 1 
ATOM   368 N N   . ASP B 1 6  ? -2.119  1.885   -8.988  1.00 57.15 ? 11 ASP B N   1 
ATOM   369 C CA  . ASP B 1 6  ? -2.108  0.455   -9.276  1.00 56.90 ? 11 ASP B CA  1 
ATOM   370 C C   . ASP B 1 6  ? -1.283  -0.308  -8.244  1.00 54.94 ? 11 ASP B C   1 
ATOM   371 O O   . ASP B 1 6  ? -1.487  -1.504  -8.035  1.00 54.68 ? 11 ASP B O   1 
ATOM   372 C CB  . ASP B 1 6  ? -1.561  0.196   -10.681 1.00 57.73 ? 11 ASP B CB  1 
ATOM   373 C CG  . ASP B 1 6  ? -1.917  1.299   -11.658 1.00 58.65 ? 11 ASP B CG  1 
ATOM   374 O OD1 . ASP B 1 6  ? -1.310  2.388   -11.574 1.00 58.00 ? 11 ASP B OD1 1 
ATOM   375 O OD2 . ASP B 1 6  ? -2.804  1.079   -12.509 1.00 60.24 ? 11 ASP B OD2 1 
ATOM   376 N N   . LEU B 1 7  ? -0.354  0.391   -7.602  1.00 53.27 ? 12 LEU B N   1 
ATOM   377 C CA  . LEU B 1 7  ? 0.280   -0.110  -6.388  1.00 52.24 ? 12 LEU B CA  1 
ATOM   378 C C   . LEU B 1 7  ? -0.733  -0.257  -5.258  1.00 52.40 ? 12 LEU B C   1 
ATOM   379 O O   . LEU B 1 7  ? -0.885  -1.336  -4.683  1.00 52.36 ? 12 LEU B O   1 
ATOM   380 C CB  . LEU B 1 7  ? 1.419   0.816   -5.957  1.00 50.66 ? 12 LEU B CB  1 
ATOM   381 C CG  . LEU B 1 7  ? 2.714   0.134   -5.509  1.00 49.12 ? 12 LEU B CG  1 
ATOM   382 C CD1 . LEU B 1 7  ? 3.580   1.097   -4.713  1.00 47.06 ? 12 LEU B CD1 1 
ATOM   383 C CD2 . LEU B 1 7  ? 2.410   -1.116  -4.697  1.00 48.03 ? 12 LEU B CD2 1 
ATOM   384 N N   . THR B 1 8  ? -1.423  0.833   -4.942  1.00 53.58 ? 13 THR B N   1 
ATOM   385 C CA  . THR B 1 8  ? -2.298  0.877   -3.772  1.00 55.27 ? 13 THR B CA  1 
ATOM   386 C C   . THR B 1 8  ? -3.386  -0.176  -3.816  1.00 54.85 ? 13 THR B C   1 
ATOM   387 O O   . THR B 1 8  ? -3.857  -0.630  -2.774  1.00 55.75 ? 13 THR B O   1 
ATOM   388 C CB  . THR B 1 8  ? -2.994  2.242   -3.601  1.00 56.21 ? 13 THR B CB  1 
ATOM   389 O OG1 . THR B 1 8  ? -3.635  2.278   -2.318  1.00 57.24 ? 13 THR B OG1 1 
ATOM   390 C CG2 . THR B 1 8  ? -4.049  2.459   -4.680  1.00 56.74 ? 13 THR B CG2 1 
ATOM   391 N N   . SER B 1 9  ? -3.792  -0.560  -5.019  1.00 54.01 ? 14 SER B N   1 
ATOM   392 C CA  . SER B 1 9  ? -4.832  -1.564  -5.156  1.00 53.16 ? 14 SER B CA  1 
ATOM   393 C C   . SER B 1 9  ? -4.243  -2.970  -5.070  1.00 52.50 ? 14 SER B C   1 
ATOM   394 O O   . SER B 1 9  ? -4.830  -3.844  -4.445  1.00 52.76 ? 14 SER B O   1 
ATOM   395 C CB  . SER B 1 9  ? -5.589  -1.366  -6.475  1.00 53.13 ? 14 SER B CB  1 
ATOM   396 O OG  . SER B 1 9  ? -6.240  -0.104  -6.501  1.00 51.49 ? 14 SER B OG  1 
ATOM   397 N N   . VAL B 1 10 ? -3.081  -3.184  -5.682  1.00 51.18 ? 15 VAL B N   1 
ATOM   398 C CA  . VAL B 1 10 ? -2.439  -4.495  -5.641  1.00 50.62 ? 15 VAL B CA  1 
ATOM   399 C C   . VAL B 1 10 ? -2.071  -4.869  -4.207  1.00 50.84 ? 15 VAL B C   1 
ATOM   400 O O   . VAL B 1 10 ? -1.842  -6.040  -3.896  1.00 52.51 ? 15 VAL B O   1 
ATOM   401 C CB  . VAL B 1 10 ? -1.167  -4.535  -6.513  1.00 50.19 ? 15 VAL B CB  1 
ATOM   402 C CG1 . VAL B 1 10 ? -0.512  -5.904  -6.425  1.00 50.19 ? 15 VAL B CG1 1 
ATOM   403 C CG2 . VAL B 1 10 ? -1.522  -4.233  -7.952  1.00 50.89 ? 15 VAL B CG2 1 
ATOM   404 N N   . VAL B 1 11 ? -2.002  -3.871  -3.335  1.00 49.84 ? 16 VAL B N   1 
ATOM   405 C CA  . VAL B 1 11 ? -1.693  -4.111  -1.929  1.00 48.53 ? 16 VAL B CA  1 
ATOM   406 C C   . VAL B 1 11 ? -3.031  -4.341  -1.242  1.00 48.44 ? 16 VAL B C   1 
ATOM   407 O O   . VAL B 1 11 ? -3.190  -5.231  -0.402  1.00 48.51 ? 16 VAL B O   1 
ATOM   408 C CB  . VAL B 1 11 ? -1.027  -2.891  -1.286  1.00 47.52 ? 16 VAL B CB  1 
ATOM   409 C CG1 . VAL B 1 11 ? -0.840  -3.130  0.199   1.00 46.47 ? 16 VAL B CG1 1 
ATOM   410 C CG2 . VAL B 1 11 ? 0.298   -2.611  -1.964  1.00 47.95 ? 16 VAL B CG2 1 
ATOM   411 N N   . GLN B 1 12 ? -3.991  -3.517  -1.638  1.00 47.80 ? 17 GLN B N   1 
ATOM   412 C CA  . GLN B 1 12 ? -5.346  -3.548  -1.125  1.00 47.73 ? 17 GLN B CA  1 
ATOM   413 C C   . GLN B 1 12 ? -5.992  -4.915  -1.385  1.00 47.86 ? 17 GLN B C   1 
ATOM   414 O O   . GLN B 1 12 ? -6.770  -5.410  -0.572  1.00 48.63 ? 17 GLN B O   1 
ATOM   415 C CB  . GLN B 1 12 ? -6.135  -2.450  -1.823  1.00 48.54 ? 17 GLN B CB  1 
ATOM   416 C CG  . GLN B 1 12 ? -7.305  -1.904  -1.063  1.00 48.97 ? 17 GLN B CG  1 
ATOM   417 C CD  . GLN B 1 12 ? -7.922  -0.732  -1.790  1.00 49.51 ? 17 GLN B CD  1 
ATOM   418 O OE1 . GLN B 1 12 ? -8.333  -0.853  -2.942  1.00 50.22 ? 17 GLN B OE1 1 
ATOM   419 N NE2 . GLN B 1 12 ? -7.983  0.413   -1.123  1.00 49.67 ? 17 GLN B NE2 1 
ATOM   420 N N   . THR B 1 13 ? -5.658  -5.511  -2.525  1.00 47.42 ? 18 THR B N   1 
ATOM   421 C CA  . THR B 1 13 ? -6.184  -6.818  -2.922  1.00 46.45 ? 18 THR B CA  1 
ATOM   422 C C   . THR B 1 13 ? -5.480  -7.935  -2.142  1.00 45.50 ? 18 THR B C   1 
ATOM   423 O O   . THR B 1 13 ? -6.121  -8.700  -1.428  1.00 45.96 ? 18 THR B O   1 
ATOM   424 C CB  . THR B 1 13 ? -5.991  -7.060  -4.456  1.00 46.94 ? 18 THR B CB  1 
ATOM   425 O OG1 . THR B 1 13 ? -6.611  -5.998  -5.197  1.00 47.88 ? 18 THR B OG1 1 
ATOM   426 C CG2 . THR B 1 13 ? -6.618  -8.388  -4.886  1.00 47.12 ? 18 THR B CG2 1 
ATOM   427 N N   . LEU B 1 14 ? -4.161  -8.023  -2.274  1.00 44.11 ? 19 LEU B N   1 
ATOM   428 C CA  . LEU B 1 14 ? -3.406  -9.051  -1.573  1.00 42.87 ? 19 LEU B CA  1 
ATOM   429 C C   . LEU B 1 14 ? -3.822  -9.126  -0.109  1.00 42.66 ? 19 LEU B C   1 
ATOM   430 O O   . LEU B 1 14 ? -3.877  -10.206 0.476   1.00 41.91 ? 19 LEU B O   1 
ATOM   431 C CB  . LEU B 1 14 ? -1.899  -8.768  -1.654  1.00 42.76 ? 19 LEU B CB  1 
ATOM   432 C CG  . LEU B 1 14 ? -1.128  -8.982  -2.960  1.00 41.77 ? 19 LEU B CG  1 
ATOM   433 C CD1 . LEU B 1 14 ? 0.330   -8.589  -2.758  1.00 41.22 ? 19 LEU B CD1 1 
ATOM   434 C CD2 . LEU B 1 14 ? -1.220  -10.434 -3.387  1.00 41.56 ? 19 LEU B CD2 1 
ATOM   435 N N   . LEU B 1 15 ? -4.109  -7.975  0.484   1.00 42.44 ? 20 LEU B N   1 
ATOM   436 C CA  . LEU B 1 15 ? -4.499  -7.953  1.882   1.00 43.38 ? 20 LEU B CA  1 
ATOM   437 C C   . LEU B 1 15 ? -5.962  -8.341  2.080   1.00 45.38 ? 20 LEU B C   1 
ATOM   438 O O   . LEU B 1 15 ? -6.305  -9.027  3.048   1.00 43.16 ? 20 LEU B O   1 
ATOM   439 C CB  . LEU B 1 15 ? -4.223  -6.572  2.487   1.00 43.00 ? 20 LEU B CB  1 
ATOM   440 C CG  . LEU B 1 15 ? -2.753  -6.179  2.715   1.00 40.55 ? 20 LEU B CG  1 
ATOM   441 C CD1 . LEU B 1 15 ? -2.693  -4.771  3.257   1.00 39.61 ? 20 LEU B CD1 1 
ATOM   442 C CD2 . LEU B 1 15 ? -2.086  -7.139  3.686   1.00 40.46 ? 20 LEU B CD2 1 
ATOM   443 N N   . GLN B 1 16 ? -6.817  -7.917  1.151   1.00 48.00 ? 21 GLN B N   1 
ATOM   444 C CA  . GLN B 1 16 ? -8.246  -8.224  1.229   1.00 50.24 ? 21 GLN B CA  1 
ATOM   445 C C   . GLN B 1 16 ? -8.576  -9.679  0.947   1.00 49.90 ? 21 GLN B C   1 
ATOM   446 O O   . GLN B 1 16 ? -9.686  -10.132 1.208   1.00 49.80 ? 21 GLN B O   1 
ATOM   447 C CB  . GLN B 1 16 ? -9.040  -7.334  0.275   1.00 51.68 ? 21 GLN B CB  1 
ATOM   448 C CG  . GLN B 1 16 ? -9.958  -6.365  1.007   1.00 56.25 ? 21 GLN B CG  1 
ATOM   449 C CD  . GLN B 1 16 ? -10.636 -5.383  0.073   1.00 59.21 ? 21 GLN B CD  1 
ATOM   450 O OE1 . GLN B 1 16 ? -11.344 -4.469  0.514   1.00 59.44 ? 21 GLN B OE1 1 
ATOM   451 N NE2 . GLN B 1 16 ? -10.421 -5.563  -1.230  1.00 60.57 ? 21 GLN B NE2 1 
ATOM   452 N N   . GLN B 1 17 ? -7.608  -10.409 0.407   1.00 49.83 ? 22 GLN B N   1 
ATOM   453 C CA  . GLN B 1 17 ? -7.806  -11.817 0.112   1.00 49.80 ? 22 GLN B CA  1 
ATOM   454 C C   . GLN B 1 17 ? -7.397  -12.574 1.359   1.00 49.66 ? 22 GLN B C   1 
ATOM   455 O O   . GLN B 1 17 ? -8.084  -13.499 1.782   1.00 49.90 ? 22 GLN B O   1 
ATOM   456 C CB  . GLN B 1 17 ? -6.933  -12.246 -1.070  1.00 49.30 ? 22 GLN B CB  1 
ATOM   457 C CG  . GLN B 1 17 ? -7.061  -11.330 -2.275  1.00 50.15 ? 22 GLN B CG  1 
ATOM   458 C CD  . GLN B 1 17 ? -6.288  -11.824 -3.480  1.00 50.09 ? 22 GLN B CD  1 
ATOM   459 O OE1 . GLN B 1 17 ? -5.150  -12.290 -3.359  1.00 49.34 ? 22 GLN B OE1 1 
ATOM   460 N NE2 . GLN B 1 17 ? -6.899  -11.710 -4.658  1.00 51.26 ? 22 GLN B NE2 1 
ATOM   461 N N   . MET B 1 18 ? -6.279  -12.159 1.950   1.00 49.94 ? 23 MET B N   1 
ATOM   462 C CA  . MET B 1 18 ? -5.763  -12.786 3.162   1.00 50.12 ? 23 MET B CA  1 
ATOM   463 C C   . MET B 1 18 ? -6.774  -12.667 4.309   1.00 49.80 ? 23 MET B C   1 
ATOM   464 O O   . MET B 1 18 ? -6.869  -13.558 5.153   1.00 49.53 ? 23 MET B O   1 
ATOM   465 C CB  . MET B 1 18 ? -4.424  -12.144 3.559   1.00 52.54 ? 23 MET B CB  1 
ATOM   466 C CG  . MET B 1 18 ? -3.805  -12.702 4.844   1.00 56.13 ? 23 MET B CG  1 
ATOM   467 S SD  . MET B 1 18 ? -2.135  -12.078 5.226   1.00 61.11 ? 23 MET B SD  1 
ATOM   468 C CE  . MET B 1 18 ? -1.489  -13.389 6.287   1.00 59.07 ? 23 MET B CE  1 
ATOM   469 N N   . GLN B 1 19 ? -7.539  -11.579 4.341   1.00 48.46 ? 24 GLN B N   1 
ATOM   470 C CA  . GLN B 1 19 ? -8.518  -11.420 5.398   1.00 47.44 ? 24 GLN B CA  1 
ATOM   471 C C   . GLN B 1 19 ? -9.813  -12.171 5.104   1.00 46.09 ? 24 GLN B C   1 
ATOM   472 O O   . GLN B 1 19 ? -10.527 -12.546 6.027   1.00 45.30 ? 24 GLN B O   1 
ATOM   473 C CB  . GLN B 1 19 ? -8.839  -9.956  5.631   1.00 49.22 ? 24 GLN B CB  1 
ATOM   474 C CG  . GLN B 1 19 ? -9.727  -9.759  6.844   1.00 53.28 ? 24 GLN B CG  1 
ATOM   475 C CD  . GLN B 1 19 ? -10.330 -8.377  6.907   1.00 55.87 ? 24 GLN B CD  1 
ATOM   476 O OE1 . GLN B 1 19 ? -11.083 -7.977  6.020   1.00 57.92 ? 24 GLN B OE1 1 
ATOM   477 N NE2 . GLN B 1 19 ? -10.005 -7.635  7.958   1.00 58.83 ? 24 GLN B NE2 1 
ATOM   478 N N   . ASP B 1 20 ? -10.123 -12.375 3.826   1.00 45.69 ? 25 ASP B N   1 
ATOM   479 C CA  . ASP B 1 20 ? -11.334 -13.106 3.442   1.00 46.59 ? 25 ASP B CA  1 
ATOM   480 C C   . ASP B 1 20 ? -11.173 -14.568 3.833   1.00 45.93 ? 25 ASP B C   1 
ATOM   481 O O   . ASP B 1 20 ? -12.124 -15.222 4.276   1.00 44.65 ? 25 ASP B O   1 
ATOM   482 C CB  . ASP B 1 20 ? -11.576 -13.029 1.932   1.00 48.62 ? 25 ASP B CB  1 
ATOM   483 C CG  . ASP B 1 20 ? -12.134 -11.690 1.498   1.00 49.97 ? 25 ASP B CG  1 
ATOM   484 O OD1 . ASP B 1 20 ? -13.038 -11.179 2.198   1.00 50.63 ? 25 ASP B OD1 1 
ATOM   485 O OD2 . ASP B 1 20 ? -11.677 -11.165 0.452   1.00 50.28 ? 25 ASP B OD2 1 
ATOM   486 N N   . LYS B 1 21 ? -9.958  -15.071 3.644   1.00 45.09 ? 26 LYS B N   1 
ATOM   487 C CA  . LYS B 1 21 ? -9.620  -16.442 3.991   1.00 45.45 ? 26 LYS B CA  1 
ATOM   488 C C   . LYS B 1 21 ? -9.784  -16.561 5.507   1.00 44.48 ? 26 LYS B C   1 
ATOM   489 O O   . LYS B 1 21 ? -10.307 -17.547 6.020   1.00 44.04 ? 26 LYS B O   1 
ATOM   490 C CB  . LYS B 1 21 ? -8.178  -16.740 3.574   1.00 45.30 ? 26 LYS B CB  1 
ATOM   491 C CG  . LYS B 1 21 ? -7.765  -18.174 3.768   1.00 47.80 ? 26 LYS B CG  1 
ATOM   492 C CD  . LYS B 1 21 ? -6.347  -18.396 3.306   1.00 51.41 ? 26 LYS B CD  1 
ATOM   493 C CE  . LYS B 1 21 ? -5.906  -19.821 3.602   1.00 53.34 ? 26 LYS B CE  1 
ATOM   494 N NZ  . LYS B 1 21 ? -5.995  -20.109 5.064   1.00 54.48 ? 26 LYS B NZ  1 
ATOM   495 N N   . PHE B 1 22 ? -9.328  -15.535 6.212   1.00 44.49 ? 27 PHE B N   1 
ATOM   496 C CA  . PHE B 1 22 ? -9.432  -15.459 7.661   1.00 45.52 ? 27 PHE B CA  1 
ATOM   497 C C   . PHE B 1 22 ? -10.908 -15.558 8.071   1.00 45.47 ? 27 PHE B C   1 
ATOM   498 O O   . PHE B 1 22 ? -11.283 -16.376 8.919   1.00 43.66 ? 27 PHE B O   1 
ATOM   499 C CB  . PHE B 1 22 ? -8.838  -14.121 8.120   1.00 49.00 ? 27 PHE B CB  1 
ATOM   500 C CG  . PHE B 1 22 ? -9.242  -13.702 9.508   1.00 51.45 ? 27 PHE B CG  1 
ATOM   501 C CD1 . PHE B 1 22 ? -9.571  -12.372 9.768   1.00 52.37 ? 27 PHE B CD1 1 
ATOM   502 C CD2 . PHE B 1 22 ? -9.275  -14.619 10.555  1.00 52.46 ? 27 PHE B CD2 1 
ATOM   503 C CE1 . PHE B 1 22 ? -9.923  -11.962 11.049  1.00 52.98 ? 27 PHE B CE1 1 
ATOM   504 C CE2 . PHE B 1 22 ? -9.627  -14.219 11.842  1.00 53.26 ? 27 PHE B CE2 1 
ATOM   505 C CZ  . PHE B 1 22 ? -9.953  -12.889 12.090  1.00 53.18 ? 27 PHE B CZ  1 
ATOM   506 N N   . GLN B 1 23 ? -11.733 -14.708 7.462   1.00 45.30 ? 28 GLN B N   1 
ATOM   507 C CA  . GLN B 1 23 ? -13.165 -14.672 7.735   1.00 45.09 ? 28 GLN B CA  1 
ATOM   508 C C   . GLN B 1 23 ? -13.797 -16.026 7.474   1.00 44.41 ? 28 GLN B C   1 
ATOM   509 O O   . GLN B 1 23 ? -14.573 -16.527 8.285   1.00 43.46 ? 28 GLN B O   1 
ATOM   510 C CB  . GLN B 1 23 ? -13.849 -13.629 6.850   1.00 46.36 ? 28 GLN B CB  1 
ATOM   511 C CG  . GLN B 1 23 ? -13.526 -12.194 7.217   1.00 48.33 ? 28 GLN B CG  1 
ATOM   512 C CD  . GLN B 1 23 ? -13.810 -11.893 8.672   1.00 48.32 ? 28 GLN B CD  1 
ATOM   513 O OE1 . GLN B 1 23 ? -14.891 -12.197 9.183   1.00 48.95 ? 28 GLN B OE1 1 
ATOM   514 N NE2 . GLN B 1 23 ? -12.840 -11.287 9.351   1.00 49.74 ? 28 GLN B NE2 1 
ATOM   515 N N   . THR B 1 24 ? -13.458 -16.599 6.324   1.00 44.40 ? 29 THR B N   1 
ATOM   516 C CA  . THR B 1 24 ? -13.965 -17.902 5.909   1.00 43.69 ? 29 THR B CA  1 
ATOM   517 C C   . THR B 1 24 ? -13.816 -18.970 6.995   1.00 42.51 ? 29 THR B C   1 
ATOM   518 O O   . THR B 1 24 ? -14.781 -19.657 7.339   1.00 40.88 ? 29 THR B O   1 
ATOM   519 C CB  . THR B 1 24 ? -13.241 -18.375 4.629   1.00 44.87 ? 29 THR B CB  1 
ATOM   520 O OG1 . THR B 1 24 ? -13.572 -17.495 3.547   1.00 45.11 ? 29 THR B OG1 1 
ATOM   521 C CG2 . THR B 1 24 ? -13.637 -19.808 4.276   1.00 44.56 ? 29 THR B CG2 1 
ATOM   522 N N   . ILE B 1 25 ? -12.606 -19.111 7.525   1.00 41.40 ? 30 ILE B N   1 
ATOM   523 C CA  . ILE B 1 25 ? -12.358 -20.093 8.571   1.00 41.32 ? 30 ILE B CA  1 
ATOM   524 C C   . ILE B 1 25 ? -13.097 -19.678 9.839   1.00 40.25 ? 30 ILE B C   1 
ATOM   525 O O   . ILE B 1 25 ? -13.687 -20.508 10.521  1.00 39.69 ? 30 ILE B O   1 
ATOM   526 C CB  . ILE B 1 25 ? -10.837 -20.225 8.871   1.00 43.17 ? 30 ILE B CB  1 
ATOM   527 C CG1 . ILE B 1 25 ? -10.101 -20.697 7.610   1.00 43.22 ? 30 ILE B CG1 1 
ATOM   528 C CG2 . ILE B 1 25 ? -10.603 -21.200 10.035  1.00 41.40 ? 30 ILE B CG2 1 
ATOM   529 C CD1 . ILE B 1 25 ? -8.606  -20.914 7.798   1.00 42.86 ? 30 ILE B CD1 1 
ATOM   530 N N   . SER B 1 26 ? -13.073 -18.389 10.145  1.00 38.58 ? 31 SER B N   1 
ATOM   531 C CA  . SER B 1 26 ? -13.738 -17.891 11.335  1.00 39.65 ? 31 SER B CA  1 
ATOM   532 C C   . SER B 1 26 ? -15.237 -18.145 11.275  1.00 40.38 ? 31 SER B C   1 
ATOM   533 O O   . SER B 1 26 ? -15.783 -18.843 12.129  1.00 40.16 ? 31 SER B O   1 
ATOM   534 C CB  . SER B 1 26 ? -13.477 -16.397 11.499  1.00 40.17 ? 31 SER B CB  1 
ATOM   535 O OG  . SER B 1 26 ? -12.087 -16.140 11.578  1.00 44.24 ? 31 SER B OG  1 
ATOM   536 N N   . ASP B 1 27 ? -15.901 -17.573 10.273  1.00 39.97 ? 32 ASP B N   1 
ATOM   537 C CA  . ASP B 1 27 ? -17.341 -17.744 10.106  1.00 40.01 ? 32 ASP B CA  1 
ATOM   538 C C   . ASP B 1 27 ? -17.705 -19.224 10.159  1.00 39.15 ? 32 ASP B C   1 
ATOM   539 O O   . ASP B 1 27 ? -18.778 -19.612 10.618  1.00 37.90 ? 32 ASP B O   1 
ATOM   540 C CB  . ASP B 1 27 ? -17.796 -17.145 8.768   1.00 42.86 ? 32 ASP B CB  1 
ATOM   541 C CG  . ASP B 1 27 ? -17.776 -15.621 8.769   1.00 46.65 ? 32 ASP B CG  1 
ATOM   542 O OD1 . ASP B 1 27 ? -18.377 -15.023 9.682   1.00 48.78 ? 32 ASP B OD1 1 
ATOM   543 O OD2 . ASP B 1 27 ? -17.168 -15.014 7.858   1.00 50.13 ? 32 ASP B OD2 1 
ATOM   544 N N   . GLN B 1 28 ? -16.781 -20.046 9.692   1.00 38.54 ? 33 GLN B N   1 
ATOM   545 C CA  . GLN B 1 28 ? -16.965 -21.479 9.659   1.00 37.39 ? 33 GLN B CA  1 
ATOM   546 C C   . GLN B 1 28 ? -16.979 -22.011 11.088  1.00 36.44 ? 33 GLN B C   1 
ATOM   547 O O   . GLN B 1 28 ? -17.791 -22.862 11.445  1.00 36.26 ? 33 GLN B O   1 
ATOM   548 C CB  . GLN B 1 28 ? -15.808 -22.081 8.888   1.00 38.39 ? 33 GLN B CB  1 
ATOM   549 C CG  . GLN B 1 28 ? -15.997 -23.492 8.426   1.00 43.94 ? 33 GLN B CG  1 
ATOM   550 C CD  . GLN B 1 28 ? -14.709 -24.054 7.867   1.00 46.91 ? 33 GLN B CD  1 
ATOM   551 O OE1 . GLN B 1 28 ? -13.799 -24.427 8.624   1.00 48.75 ? 33 GLN B OE1 1 
ATOM   552 N NE2 . GLN B 1 28 ? -14.606 -24.094 6.538   1.00 45.77 ? 33 GLN B NE2 1 
ATOM   553 N N   . ILE B 1 29 ? -16.058 -21.488 11.890  1.00 35.18 ? 34 ILE B N   1 
ATOM   554 C CA  . ILE B 1 29 ? -15.886 -21.862 13.288  1.00 32.23 ? 34 ILE B CA  1 
ATOM   555 C C   . ILE B 1 29 ? -17.040 -21.398 14.169  1.00 31.60 ? 34 ILE B C   1 
ATOM   556 O O   . ILE B 1 29 ? -17.602 -22.182 14.929  1.00 31.61 ? 34 ILE B O   1 
ATOM   557 C CB  . ILE B 1 29 ? -14.550 -21.276 13.825  1.00 33.24 ? 34 ILE B CB  1 
ATOM   558 C CG1 . ILE B 1 29 ? -13.368 -22.056 13.228  1.00 32.91 ? 34 ILE B CG1 1 
ATOM   559 C CG2 . ILE B 1 29 ? -14.526 -21.296 15.348  1.00 33.60 ? 34 ILE B CG2 1 
ATOM   560 C CD1 . ILE B 1 29 ? -11.990 -21.506 13.594  1.00 33.52 ? 34 ILE B CD1 1 
ATOM   561 N N   . ILE B 1 30 ? -17.380 -20.117 14.069  1.00 31.08 ? 35 ILE B N   1 
ATOM   562 C CA  . ILE B 1 30 ? -18.464 -19.539 14.860  1.00 31.17 ? 35 ILE B CA  1 
ATOM   563 C C   . ILE B 1 30 ? -19.779 -20.280 14.610  1.00 30.82 ? 35 ILE B C   1 
ATOM   564 O O   . ILE B 1 30 ? -20.601 -20.434 15.516  1.00 30.12 ? 35 ILE B O   1 
ATOM   565 C CB  . ILE B 1 30 ? -18.644 -18.026 14.530  1.00 33.16 ? 35 ILE B CB  1 
ATOM   566 C CG1 . ILE B 1 30 ? -17.351 -17.264 14.852  1.00 33.52 ? 35 ILE B CG1 1 
ATOM   567 C CG2 . ILE B 1 30 ? -19.806 -17.446 15.329  1.00 34.35 ? 35 ILE B CG2 1 
ATOM   568 C CD1 . ILE B 1 30 ? -17.420 -15.773 14.601  1.00 35.37 ? 35 ILE B CD1 1 
ATOM   569 N N   . GLY B 1 31 ? -19.969 -20.736 13.375  1.00 30.14 ? 36 GLY B N   1 
ATOM   570 C CA  . GLY B 1 31 ? -21.172 -21.469 13.040  1.00 28.66 ? 36 GLY B CA  1 
ATOM   571 C C   . GLY B 1 31 ? -21.208 -22.766 13.820  1.00 28.32 ? 36 GLY B C   1 
ATOM   572 O O   . GLY B 1 31 ? -22.253 -23.149 14.325  1.00 28.36 ? 36 GLY B O   1 
ATOM   573 N N   . ARG B 1 32 ? -20.063 -23.439 13.925  1.00 28.43 ? 37 ARG B N   1 
ATOM   574 C CA  . ARG B 1 32 ? -19.971 -24.705 14.657  1.00 27.99 ? 37 ARG B CA  1 
ATOM   575 C C   . ARG B 1 32 ? -20.225 -24.507 16.153  1.00 27.69 ? 37 ARG B C   1 
ATOM   576 O O   . ARG B 1 32 ? -20.935 -25.289 16.780  1.00 26.28 ? 37 ARG B O   1 
ATOM   577 C CB  . ARG B 1 32 ? -18.598 -25.354 14.446  1.00 26.97 ? 37 ARG B CB  1 
ATOM   578 C CG  . ARG B 1 32 ? -18.352 -25.862 13.026  1.00 25.73 ? 37 ARG B CG  1 
ATOM   579 C CD  . ARG B 1 32 ? -17.052 -26.645 12.929  1.00 25.48 ? 37 ARG B CD  1 
ATOM   580 N NE  . ARG B 1 32 ? -17.126 -27.899 13.673  1.00 29.09 ? 37 ARG B NE  1 
ATOM   581 C CZ  . ARG B 1 32 ? -16.088 -28.688 13.930  1.00 29.50 ? 37 ARG B CZ  1 
ATOM   582 N NH1 . ARG B 1 32 ? -14.875 -28.364 13.508  1.00 31.70 ? 37 ARG B NH1 1 
ATOM   583 N NH2 . ARG B 1 32 ? -16.259 -29.806 14.624  1.00 31.01 ? 37 ARG B NH2 1 
ATOM   584 N N   . ILE B 1 33 ? -19.644 -23.452 16.713  1.00 26.52 ? 38 ILE B N   1 
ATOM   585 C CA  . ILE B 1 33 ? -19.820 -23.125 18.122  1.00 24.91 ? 38 ILE B CA  1 
ATOM   586 C C   . ILE B 1 33 ? -21.279 -22.793 18.378  1.00 24.71 ? 38 ILE B C   1 
ATOM   587 O O   . ILE B 1 33 ? -21.852 -23.166 19.394  1.00 23.23 ? 38 ILE B O   1 
ATOM   588 C CB  . ILE B 1 33 ? -18.968 -21.905 18.504  1.00 26.13 ? 38 ILE B CB  1 
ATOM   589 C CG1 . ILE B 1 33 ? -17.505 -22.168 18.136  1.00 25.86 ? 38 ILE B CG1 1 
ATOM   590 C CG2 . ILE B 1 33 ? -19.093 -21.621 19.987  1.00 26.38 ? 38 ILE B CG2 1 
ATOM   591 C CD1 . ILE B 1 33 ? -16.615 -20.979 18.316  1.00 24.18 ? 38 ILE B CD1 1 
ATOM   592 N N   . ASP B 1 34 ? -21.891 -22.081 17.443  1.00 27.40 ? 39 ASP B N   1 
ATOM   593 C CA  . ASP B 1 34 ? -23.286 -21.718 17.609  1.00 28.81 ? 39 ASP B CA  1 
ATOM   594 C C   . ASP B 1 34 ? -24.172 -22.948 17.661  1.00 29.15 ? 39 ASP B C   1 
ATOM   595 O O   . ASP B 1 34 ? -25.151 -22.974 18.400  1.00 28.23 ? 39 ASP B O   1 
ATOM   596 C CB  . ASP B 1 34 ? -23.741 -20.785 16.480  1.00 30.29 ? 39 ASP B CB  1 
ATOM   597 C CG  . ASP B 1 34 ? -23.132 -19.392 16.597  1.00 31.98 ? 39 ASP B CG  1 
ATOM   598 O OD1 . ASP B 1 34 ? -23.130 -18.848 17.719  1.00 32.81 ? 39 ASP B OD1 1 
ATOM   599 O OD2 . ASP B 1 34 ? -22.665 -18.839 15.579  1.00 33.35 ? 39 ASP B OD2 1 
ATOM   600 N N   . ASP B 1 35 ? -23.835 -23.972 16.884  1.00 29.33 ? 40 ASP B N   1 
ATOM   601 C CA  . ASP B 1 35 ? -24.645 -25.181 16.894  1.00 30.09 ? 40 ASP B CA  1 
ATOM   602 C C   . ASP B 1 35 ? -24.362 -25.988 18.154  1.00 29.21 ? 40 ASP B C   1 
ATOM   603 O O   . ASP B 1 35 ? -25.264 -26.630 18.701  1.00 28.64 ? 40 ASP B O   1 
ATOM   604 C CB  . ASP B 1 35 ? -24.363 -26.040 15.669  1.00 32.98 ? 40 ASP B CB  1 
ATOM   605 C CG  . ASP B 1 35 ? -25.369 -27.155 15.511  1.00 35.24 ? 40 ASP B CG  1 
ATOM   606 O OD1 . ASP B 1 35 ? -25.126 -28.064 14.693  1.00 39.99 ? 40 ASP B OD1 1 
ATOM   607 O OD2 . ASP B 1 35 ? -26.410 -27.120 16.204  1.00 38.36 ? 40 ASP B OD2 1 
ATOM   608 N N   . MET B 1 36 ? -23.105 -25.952 18.604  1.00 28.40 ? 41 MET B N   1 
ATOM   609 C CA  . MET B 1 36 ? -22.690 -26.651 19.823  1.00 28.28 ? 41 MET B CA  1 
ATOM   610 C C   . MET B 1 36 ? -23.375 -26.020 21.038  1.00 28.08 ? 41 MET B C   1 
ATOM   611 O O   . MET B 1 36 ? -23.845 -26.719 21.933  1.00 27.57 ? 41 MET B O   1 
ATOM   612 C CB  . MET B 1 36 ? -21.173 -26.559 20.010  1.00 30.65 ? 41 MET B CB  1 
ATOM   613 C CG  . MET B 1 36 ? -20.347 -27.307 18.983  1.00 33.21 ? 41 MET B CG  1 
ATOM   614 S SD  . MET B 1 36 ? -18.584 -27.078 19.270  1.00 38.20 ? 41 MET B SD  1 
ATOM   615 C CE  . MET B 1 36 ? -18.331 -28.027 20.784  1.00 35.32 ? 41 MET B CE  1 
ATOM   616 N N   . SER B 1 37 ? -23.424 -24.693 21.074  1.00 27.33 ? 42 SER B N   1 
ATOM   617 C CA  . SER B 1 37 ? -24.076 -24.016 22.187  1.00 27.29 ? 42 SER B CA  1 
ATOM   618 C C   . SER B 1 37 ? -25.533 -24.447 22.223  1.00 26.61 ? 42 SER B C   1 
ATOM   619 O O   . SER B 1 37 ? -26.101 -24.671 23.294  1.00 26.57 ? 42 SER B O   1 
ATOM   620 C CB  . SER B 1 37 ? -23.988 -22.511 22.007  1.00 28.52 ? 42 SER B CB  1 
ATOM   621 O OG  . SER B 1 37 ? -22.634 -22.120 21.893  1.00 35.14 ? 42 SER B OG  1 
ATOM   622 N N   . SER B 1 38 ? -26.127 -24.569 21.040  1.00 25.62 ? 43 SER B N   1 
ATOM   623 C CA  . SER B 1 38 ? -27.516 -24.977 20.915  1.00 26.66 ? 43 SER B CA  1 
ATOM   624 C C   . SER B 1 38 ? -27.731 -26.317 21.606  1.00 26.96 ? 43 SER B C   1 
ATOM   625 O O   . SER B 1 38 ? -28.655 -26.479 22.405  1.00 25.94 ? 43 SER B O   1 
ATOM   626 C CB  . SER B 1 38 ? -27.898 -25.092 19.441  1.00 27.61 ? 43 SER B CB  1 
ATOM   627 O OG  . SER B 1 38 ? -29.282 -25.351 19.301  1.00 31.85 ? 43 SER B OG  1 
ATOM   628 N N   . ARG B 1 39 ? -26.870 -27.277 21.287  1.00 25.45 ? 44 ARG B N   1 
ATOM   629 C CA  . ARG B 1 39 ? -26.953 -28.609 21.870  1.00 23.37 ? 44 ARG B CA  1 
ATOM   630 C C   . ARG B 1 39 ? -26.715 -28.565 23.380  1.00 22.85 ? 44 ARG B C   1 
ATOM   631 O O   . ARG B 1 39 ? -27.423 -29.218 24.147  1.00 24.49 ? 44 ARG B O   1 
ATOM   632 C CB  . ARG B 1 39 ? -25.923 -29.522 21.208  1.00 22.16 ? 44 ARG B CB  1 
ATOM   633 C CG  . ARG B 1 39 ? -26.008 -29.534 19.698  1.00 25.31 ? 44 ARG B CG  1 
ATOM   634 C CD  . ARG B 1 39 ? -24.815 -30.256 19.061  1.00 26.91 ? 44 ARG B CD  1 
ATOM   635 N NE  . ARG B 1 39 ? -24.797 -31.690 19.342  1.00 28.65 ? 44 ARG B NE  1 
ATOM   636 C CZ  . ARG B 1 39 ? -23.835 -32.519 18.935  1.00 30.77 ? 44 ARG B CZ  1 
ATOM   637 N NH1 . ARG B 1 39 ? -22.807 -32.053 18.232  1.00 30.83 ? 44 ARG B NH1 1 
ATOM   638 N NH2 . ARG B 1 39 ? -23.898 -33.813 19.226  1.00 28.34 ? 44 ARG B NH2 1 
ATOM   639 N N   . ILE B 1 40 ? -25.722 -27.800 23.817  1.00 21.87 ? 45 ILE B N   1 
ATOM   640 C CA  . ILE B 1 40 ? -25.452 -27.707 25.245  1.00 22.61 ? 45 ILE B CA  1 
ATOM   641 C C   . ILE B 1 40 ? -26.676 -27.153 25.978  1.00 22.22 ? 45 ILE B C   1 
ATOM   642 O O   . ILE B 1 40 ? -27.024 -27.620 27.064  1.00 22.24 ? 45 ILE B O   1 
ATOM   643 C CB  . ILE B 1 40 ? -24.253 -26.803 25.541  1.00 21.78 ? 45 ILE B CB  1 
ATOM   644 C CG1 . ILE B 1 40 ? -23.013 -27.303 24.790  1.00 22.93 ? 45 ILE B CG1 1 
ATOM   645 C CG2 . ILE B 1 40 ? -24.001 -26.781 27.048  1.00 22.95 ? 45 ILE B CG2 1 
ATOM   646 C CD1 . ILE B 1 40 ? -21.789 -26.398 24.909  1.00 20.09 ? 45 ILE B CD1 1 
ATOM   647 N N   . ASP B 1 41 ? -27.322 -26.150 25.386  1.00 22.90 ? 46 ASP B N   1 
ATOM   648 C CA  . ASP B 1 41 ? -28.511 -25.569 25.997  1.00 24.22 ? 46 ASP B CA  1 
ATOM   649 C C   . ASP B 1 41 ? -29.531 -26.679 26.257  1.00 24.54 ? 46 ASP B C   1 
ATOM   650 O O   . ASP B 1 41 ? -30.063 -26.813 27.359  1.00 24.49 ? 46 ASP B O   1 
ATOM   651 C CB  . ASP B 1 41 ? -29.151 -24.522 25.075  1.00 25.52 ? 46 ASP B CB  1 
ATOM   652 C CG  . ASP B 1 41 ? -28.387 -23.203 25.037  1.00 26.54 ? 46 ASP B CG  1 
ATOM   653 O OD1 . ASP B 1 41 ? -27.551 -22.946 25.927  1.00 28.33 ? 46 ASP B OD1 1 
ATOM   654 O OD2 . ASP B 1 41 ? -28.653 -22.407 24.109  1.00 27.26 ? 46 ASP B OD2 1 
ATOM   655 N N   . ASP B 1 42 ? -29.796 -27.477 25.230  1.00 26.27 ? 47 ASP B N   1 
ATOM   656 C CA  . ASP B 1 42 ? -30.762 -28.560 25.330  1.00 28.21 ? 47 ASP B CA  1 
ATOM   657 C C   . ASP B 1 42 ? -30.361 -29.629 26.342  1.00 28.28 ? 47 ASP B C   1 
ATOM   658 O O   . ASP B 1 42 ? -31.215 -30.186 27.035  1.00 27.99 ? 47 ASP B O   1 
ATOM   659 C CB  . ASP B 1 42 ? -30.984 -29.185 23.949  1.00 30.35 ? 47 ASP B CB  1 
ATOM   660 C CG  . ASP B 1 42 ? -31.704 -28.249 23.002  1.00 32.81 ? 47 ASP B CG  1 
ATOM   661 O OD1 . ASP B 1 42 ? -31.893 -28.622 21.823  1.00 34.83 ? 47 ASP B OD1 1 
ATOM   662 O OD2 . ASP B 1 42 ? -32.084 -27.137 23.440  1.00 36.38 ? 47 ASP B OD2 1 
ATOM   663 N N   . LEU B 1 43 ? -29.066 -29.926 26.411  1.00 27.56 ? 48 LEU B N   1 
ATOM   664 C CA  . LEU B 1 43 ? -28.572 -30.911 27.363  1.00 27.11 ? 48 LEU B CA  1 
ATOM   665 C C   . LEU B 1 43 ? -28.835 -30.413 28.782  1.00 27.67 ? 48 LEU B C   1 
ATOM   666 O O   . LEU B 1 43 ? -29.323 -31.161 29.624  1.00 27.30 ? 48 LEU B O   1 
ATOM   667 C CB  . LEU B 1 43 ? -27.069 -31.145 27.171  1.00 27.06 ? 48 LEU B CB  1 
ATOM   668 C CG  . LEU B 1 43 ? -26.661 -32.106 26.051  1.00 26.02 ? 48 LEU B CG  1 
ATOM   669 C CD1 . LEU B 1 43 ? -25.151 -32.037 25.819  1.00 24.60 ? 48 LEU B CD1 1 
ATOM   670 C CD2 . LEU B 1 43 ? -27.098 -33.522 26.431  1.00 25.23 ? 48 LEU B CD2 1 
ATOM   671 N N   . GLU B 1 44 ? -28.517 -29.147 29.042  1.00 27.40 ? 49 GLU B N   1 
ATOM   672 C CA  . GLU B 1 44 ? -28.722 -28.578 30.371  1.00 28.79 ? 49 GLU B CA  1 
ATOM   673 C C   . GLU B 1 44 ? -30.198 -28.516 30.696  1.00 29.72 ? 49 GLU B C   1 
ATOM   674 O O   . GLU B 1 44 ? -30.591 -28.696 31.845  1.00 27.54 ? 49 GLU B O   1 
ATOM   675 C CB  . GLU B 1 44 ? -28.144 -27.172 30.454  1.00 29.53 ? 49 GLU B CB  1 
ATOM   676 C CG  . GLU B 1 44 ? -26.700 -27.086 30.025  1.00 31.71 ? 49 GLU B CG  1 
ATOM   677 C CD  . GLU B 1 44 ? -26.175 -25.665 30.070  1.00 32.53 ? 49 GLU B CD  1 
ATOM   678 O OE1 . GLU B 1 44 ? -26.918 -24.747 29.645  1.00 27.65 ? 49 GLU B OE1 1 
ATOM   679 O OE2 . GLU B 1 44 ? -25.021 -25.472 30.524  1.00 29.57 ? 49 GLU B OE2 1 
ATOM   680 N N   . LYS B 1 45 ? -31.010 -28.248 29.674  1.00 31.48 ? 50 LYS B N   1 
ATOM   681 C CA  . LYS B 1 45 ? -32.456 -28.168 29.845  1.00 32.65 ? 50 LYS B CA  1 
ATOM   682 C C   . LYS B 1 45 ? -33.044 -29.525 30.195  1.00 33.70 ? 50 LYS B C   1 
ATOM   683 O O   . LYS B 1 45 ? -33.904 -29.633 31.067  1.00 31.98 ? 50 LYS B O   1 
ATOM   684 C CB  . LYS B 1 45 ? -33.119 -27.655 28.571  1.00 34.41 ? 50 LYS B CB  1 
ATOM   685 C CG  . LYS B 1 45 ? -32.854 -26.194 28.250  1.00 35.76 ? 50 LYS B CG  1 
ATOM   686 C CD  . LYS B 1 45 ? -33.651 -25.809 27.027  1.00 35.96 ? 50 LYS B CD  1 
ATOM   687 C CE  . LYS B 1 45 ? -33.606 -24.331 26.770  1.00 37.05 ? 50 LYS B CE  1 
ATOM   688 N NZ  . LYS B 1 45 ? -34.711 -23.961 25.847  1.00 38.06 ? 50 LYS B NZ  1 
ATOM   689 N N   . ASN B 1 46 ? -32.574 -30.557 29.506  1.00 35.08 ? 51 ASN B N   1 
ATOM   690 C CA  . ASN B 1 46 ? -33.046 -31.904 29.745  1.00 38.07 ? 51 ASN B CA  1 
ATOM   691 C C   . ASN B 1 46 ? -32.730 -32.453 31.136  1.00 39.68 ? 51 ASN B C   1 
ATOM   692 O O   . ASN B 1 46 ? -33.635 -32.906 31.841  1.00 39.94 ? 51 ASN B O   1 
ATOM   693 C CB  . ASN B 1 46 ? -32.481 -32.853 28.693  1.00 40.01 ? 51 ASN B CB  1 
ATOM   694 C CG  . ASN B 1 46 ? -33.569 -33.626 27.973  1.00 44.04 ? 51 ASN B CG  1 
ATOM   695 O OD1 . ASN B 1 46 ? -33.477 -34.856 27.787  1.00 46.16 ? 51 ASN B OD1 1 
ATOM   696 N ND2 . ASN B 1 46 ? -34.616 -32.907 27.548  1.00 46.20 ? 51 ASN B ND2 1 
ATOM   697 N N   . ILE B 1 47 ? -31.466 -32.434 31.542  1.00 41.06 ? 52 ILE B N   1 
ATOM   698 C CA  . ILE B 1 47 ? -31.155 -32.964 32.858  1.00 43.57 ? 52 ILE B CA  1 
ATOM   699 C C   . ILE B 1 47 ? -31.918 -32.180 33.910  1.00 45.31 ? 52 ILE B C   1 
ATOM   700 O O   . ILE B 1 47 ? -32.381 -32.758 34.888  1.00 46.47 ? 52 ILE B O   1 
ATOM   701 C CB  . ILE B 1 47 ? -29.640 -32.912 33.191  1.00 43.70 ? 52 ILE B CB  1 
ATOM   702 C CG1 . ILE B 1 47 ? -29.182 -31.470 33.385  1.00 45.26 ? 52 ILE B CG1 1 
ATOM   703 C CG2 . ILE B 1 47 ? -28.839 -33.573 32.094  1.00 44.32 ? 52 ILE B CG2 1 
ATOM   704 C CD1 . ILE B 1 47 ? -27.718 -31.339 33.733  1.00 46.39 ? 52 ILE B CD1 1 
ATOM   705 N N   . ALA B 1 48 ? -32.060 -30.871 33.705  1.00 46.04 ? 53 ALA B N   1 
ATOM   706 C CA  . ALA B 1 48 ? -32.774 -30.047 34.665  1.00 46.12 ? 53 ALA B CA  1 
ATOM   707 C C   . ALA B 1 48 ? -34.243 -30.435 34.691  1.00 47.35 ? 53 ALA B C   1 
ATOM   708 O O   . ALA B 1 48 ? -34.732 -30.972 33.663  1.00 47.71 ? 53 ALA B O   1 
ATOM   709 C CB  . ALA B 1 48 ? -32.620 -28.585 34.310  1.00 44.10 ? 53 ALA B CB  1 
ATOM   710 O OXT . ALA B 1 48 ? -34.878 -30.199 35.743  1.00 48.08 ? 53 ALA B OXT 1 
HETATM 711 O O   . HOH C 2 .  ? 26.006  17.761  -11.769 1.00 34.90 ? 54 HOH A O   1 
HETATM 712 O O   . HOH C 2 .  ? 28.621  27.833  -13.034 1.00 29.02 ? 55 HOH A O   1 
HETATM 713 O O   . HOH C 2 .  ? 24.882  31.182  -19.093 1.00 42.68 ? 56 HOH A O   1 
HETATM 714 O O   . HOH C 2 .  ? 30.871  31.681  -19.323 1.00 32.51 ? 57 HOH A O   1 
HETATM 715 O O   . HOH C 2 .  ? 27.427  19.662  -12.688 1.00 33.51 ? 58 HOH A O   1 
HETATM 716 O O   . HOH C 2 .  ? 6.816   12.296  -13.697 1.00 41.59 ? 59 HOH A O   1 
HETATM 717 O O   . HOH C 2 .  ? 23.794  28.895  -16.477 1.00 45.30 ? 60 HOH A O   1 
HETATM 718 O O   . HOH C 2 .  ? 24.861  31.355  -25.003 1.00 41.70 ? 61 HOH A O   1 
HETATM 719 O O   . HOH D 2 .  ? -23.547 -27.119 32.076  1.00 22.45 ? 54 HOH B O   1 
HETATM 720 O O   . HOH D 2 .  ? -20.114 -24.475 10.155  1.00 34.62 ? 55 HOH B O   1 
HETATM 721 O O   . HOH D 2 .  ? -23.048 -32.889 15.253  1.00 28.96 ? 56 HOH B O   1 
HETATM 722 O O   . HOH D 2 .  ? -34.657 -21.396 25.238  1.00 38.23 ? 57 HOH B O   1 
HETATM 723 O O   . HOH D 2 .  ? -28.210 -28.308 33.922  1.00 44.45 ? 58 HOH B O   1 
HETATM 724 O O   . HOH D 2 .  ? -29.788 -27.787 19.125  1.00 42.44 ? 59 HOH B O   1 
HETATM 725 O O   . HOH D 2 .  ? -30.144 -30.765 20.792  1.00 30.79 ? 60 HOH B O   1 
HETATM 726 O O   . HOH D 2 .  ? -29.717 -29.110 36.254  1.00 30.60 ? 61 HOH B O   1 
HETATM 727 O O   . HOH D 2 .  ? -25.402 -31.626 15.178  1.00 32.19 ? 62 HOH B O   1 
HETATM 728 O O   . HOH D 2 .  ? -14.659 -14.609 3.498   1.00 34.82 ? 63 HOH B O   1 
HETATM 729 O O   . HOH D 2 .  ? -31.199 -23.570 22.813  1.00 39.30 ? 64 HOH B O   1 
HETATM 730 O O   . HOH D 2 .  ? -17.055 -20.209 6.028   1.00 28.54 ? 65 HOH B O   1 
HETATM 731 O O   . HOH D 2 .  ? -22.894 -29.042 16.766  1.00 49.60 ? 66 HOH B O   1 
HETATM 732 O O   . HOH D 2 .  ? -26.030 -22.131 31.400  1.00 47.23 ? 67 HOH B O   1 
# 
